data_6R4Q
#
_entry.id   6R4Q
#
_cell.length_a   86.629
_cell.length_b   94.101
_cell.length_c   124.418
_cell.angle_alpha   90.00
_cell.angle_beta   90.00
_cell.angle_gamma   90.00
#
_symmetry.space_group_name_H-M   'P 21 21 21'
#
loop_
_entity.id
_entity.type
_entity.pdbx_description
1 polymer 'Nickel-binding periplasmic protein'
2 non-polymer 'FE (III) ION'
3 non-polymer '{[-(BIS-CARBOXYMETHYL-AMINO)-ETHYL]-CARBOXYMETHYL-AMINO}-ACETIC ACID'
4 non-polymer 'CHLORIDE ION'
5 non-polymer GLYCEROL
6 non-polymer 'ACETATE ION'
7 non-polymer 'RUTHENIUM ION'
8 non-polymer 'bis(pyrzol-1-yl)acetate scorpionate'
9 non-polymer 'CARBON MONOXIDE'
10 water water
#
_entity_poly.entity_id   1
_entity_poly.type   'polypeptide(L)'
_entity_poly.pdbx_seq_one_letter_code
;AAPDEITTAWPVNVGPLNPHLYTPNQMFAQSMVYEPLVKYQADGSVIPWLAKSWTHSEDGKTWTFTLRDDVKFSNGEPFD
AEAAAENFRAVLDNRQRHAWLELANQIVDVKALSKTELQITLKSAYYPFLQELALPRPFRFIAPSQFKNHETMNGIKAPI
GTGPWILQESKLNQYDVFVRNENYWGEKPAIKKITFNVIPDPTTRAVAFETGDIDLLYGNEGLLPLDTFARFSQNPAYHT
QLSQPIETVMLALNTAKAPTNELAVREALNYAVNKKSLIDNALYGTQQVADTLFAPSVPYANLGLKPSQYDPQKAKALLE
KAGWTLPAGKDIREKNGQPLRIELSFIGTDALSKSMAEIIQADMRQIGADVSLIGEEESSIYARQRDGRFGMIFHRTWGA
PYDPHAFLSSMRVPSHADFQAQQGLADKPLIDKEIGEVLATHDETQRQALYRDILTRLHDEAVYLPISYISMMVVSKPEL
GNIPYAPIATEIPFEQIKPVKP
;
_entity_poly.pdbx_strand_id   A,B
#
loop_
_chem_comp.id
_chem_comp.type
_chem_comp.name
_chem_comp.formula
6RP non-polymer 'bis(pyrzol-1-yl)acetate scorpionate' 'C8 H8 N4 O2'
ACT non-polymer 'ACETATE ION' 'C2 H3 O2 -1'
CL non-polymer 'CHLORIDE ION' 'Cl -1'
CMO non-polymer 'CARBON MONOXIDE' 'C O'
EDT non-polymer '{[-(BIS-CARBOXYMETHYL-AMINO)-ETHYL]-CARBOXYMETHYL-AMINO}-ACETIC ACID' 'C10 H16 N2 O8'
FE non-polymer 'FE (III) ION' 'Fe 3'
GOL non-polymer GLYCEROL 'C3 H8 O3'
RU non-polymer 'RUTHENIUM ION' 'Ru 3'
#
# COMPACT_ATOMS: atom_id res chain seq x y z
N ALA A 2 0.37 -10.09 31.54
CA ALA A 2 0.73 -11.30 30.70
C ALA A 2 1.17 -10.85 29.29
N PRO A 3 2.49 -10.82 28.97
CA PRO A 3 2.99 -10.06 27.81
C PRO A 3 2.76 -10.68 26.43
N ASP A 4 2.26 -11.90 26.38
CA ASP A 4 2.02 -12.68 25.13
C ASP A 4 0.52 -13.01 25.06
N GLU A 5 -0.30 -12.30 25.85
CA GLU A 5 -1.77 -12.33 25.83
C GLU A 5 -2.24 -10.91 25.54
N ILE A 6 -3.18 -10.76 24.61
CA ILE A 6 -3.81 -9.45 24.31
C ILE A 6 -5.34 -9.55 24.38
N THR A 7 -5.93 -8.43 24.71
CA THR A 7 -7.38 -8.24 24.68
C THR A 7 -7.71 -7.17 23.65
N THR A 8 -8.64 -7.48 22.77
CA THR A 8 -9.04 -6.56 21.70
C THR A 8 -10.54 -6.52 21.76
N ALA A 9 -11.13 -5.92 20.73
CA ALA A 9 -12.58 -5.79 20.69
C ALA A 9 -13.05 -5.95 19.25
N TRP A 10 -14.30 -6.30 19.13
CA TRP A 10 -15.01 -6.45 17.85
C TRP A 10 -16.46 -6.14 18.13
N PRO A 11 -17.21 -5.53 17.18
CA PRO A 11 -18.59 -5.10 17.44
C PRO A 11 -19.55 -6.26 17.69
N VAL A 12 -19.19 -7.46 17.26
CA VAL A 12 -20.06 -8.68 17.36
C VAL A 12 -19.14 -9.84 17.70
N ASN A 13 -19.72 -10.98 18.02
CA ASN A 13 -18.95 -12.23 18.26
C ASN A 13 -18.33 -12.67 16.93
N VAL A 14 -17.38 -13.60 16.98
CA VAL A 14 -16.72 -14.08 15.74
C VAL A 14 -17.68 -14.96 14.94
N GLY A 15 -18.71 -15.48 15.63
CA GLY A 15 -19.70 -16.42 15.10
C GLY A 15 -19.29 -17.86 15.42
N PRO A 16 -20.01 -18.87 14.88
CA PRO A 16 -19.64 -20.27 15.14
C PRO A 16 -18.40 -20.76 14.37
N LEU A 17 -17.87 -19.96 13.44
CA LEU A 17 -16.65 -20.25 12.64
C LEU A 17 -16.89 -21.51 11.78
N ASN A 18 -18.03 -21.54 11.12
CA ASN A 18 -18.26 -22.40 9.95
C ASN A 18 -17.43 -21.84 8.80
N PRO A 19 -16.46 -22.57 8.21
CA PRO A 19 -15.57 -21.96 7.22
C PRO A 19 -16.29 -21.61 5.92
N HIS A 20 -17.50 -22.14 5.73
CA HIS A 20 -18.17 -22.17 4.40
C HIS A 20 -19.38 -21.23 4.35
N LEU A 21 -19.68 -20.55 5.46
CA LEU A 21 -20.90 -19.72 5.55
C LEU A 21 -20.50 -18.29 5.90
N TYR A 22 -21.48 -17.38 5.89
CA TYR A 22 -21.27 -15.91 5.94
C TYR A 22 -21.76 -15.44 7.30
N THR A 23 -22.42 -14.30 7.40
CA THR A 23 -22.95 -13.75 8.67
C THR A 23 -23.67 -14.87 9.44
N PRO A 24 -23.50 -15.02 10.77
CA PRO A 24 -22.69 -14.12 11.60
C PRO A 24 -21.18 -14.44 11.70
N ASN A 25 -20.66 -15.29 10.82
CA ASN A 25 -19.21 -15.59 10.80
C ASN A 25 -18.48 -14.31 10.44
N GLN A 26 -17.43 -13.95 11.19
CA GLN A 26 -16.51 -12.85 10.86
C GLN A 26 -15.32 -13.41 10.11
N MET A 27 -15.04 -12.83 8.95
CA MET A 27 -14.02 -13.35 8.03
C MET A 27 -12.65 -13.36 8.73
N PHE A 28 -12.32 -12.34 9.51
CA PHE A 28 -10.96 -12.25 10.12
C PHE A 28 -10.78 -13.46 11.03
N ALA A 29 -11.88 -13.91 11.67
CA ALA A 29 -11.90 -15.03 12.64
C ALA A 29 -11.88 -16.37 11.87
N GLN A 30 -12.60 -16.46 10.74
CA GLN A 30 -12.48 -17.66 9.86
C GLN A 30 -11.04 -17.81 9.40
N SER A 31 -10.38 -16.72 9.00
CA SER A 31 -9.00 -16.73 8.49
C SER A 31 -7.99 -17.05 9.60
N MET A 32 -8.37 -16.88 10.85
CA MET A 32 -7.47 -17.21 11.99
C MET A 32 -7.33 -18.73 12.17
N VAL A 33 -8.43 -19.47 11.92
CA VAL A 33 -8.60 -20.92 12.23
C VAL A 33 -8.43 -21.75 10.96
N TYR A 34 -8.95 -21.27 9.83
CA TYR A 34 -8.98 -21.96 8.53
C TYR A 34 -7.96 -21.36 7.56
N GLU A 35 -7.40 -22.22 6.72
CA GLU A 35 -6.34 -21.83 5.77
C GLU A 35 -6.71 -22.23 4.35
N PRO A 36 -6.16 -21.50 3.37
CA PRO A 36 -6.39 -21.79 1.95
C PRO A 36 -5.30 -22.68 1.36
N LEU A 37 -5.51 -23.15 0.14
CA LEU A 37 -4.47 -23.85 -0.65
C LEU A 37 -3.30 -22.91 -0.96
N VAL A 38 -3.60 -21.65 -1.26
CA VAL A 38 -2.62 -20.62 -1.73
C VAL A 38 -2.92 -19.35 -0.94
N LYS A 39 -1.88 -18.61 -0.53
CA LYS A 39 -2.01 -17.41 0.32
C LYS A 39 -1.82 -16.13 -0.51
N TYR A 40 -2.75 -15.19 -0.42
CA TYR A 40 -2.73 -13.91 -1.15
C TYR A 40 -1.58 -13.03 -0.64
N GLN A 41 -0.86 -12.36 -1.56
CA GLN A 41 0.26 -11.44 -1.21
C GLN A 41 -0.12 -10.01 -1.68
N ALA A 42 0.50 -9.01 -1.08
CA ALA A 42 0.19 -7.58 -1.33
C ALA A 42 0.43 -7.24 -2.80
N ASP A 43 1.35 -7.91 -3.50
CA ASP A 43 1.61 -7.61 -4.94
C ASP A 43 0.51 -8.21 -5.83
N GLY A 44 -0.43 -8.97 -5.27
CA GLY A 44 -1.57 -9.51 -6.04
C GLY A 44 -1.34 -10.97 -6.40
N SER A 45 -0.13 -11.48 -6.21
CA SER A 45 0.21 -12.89 -6.44
C SER A 45 -0.33 -13.73 -5.27
N VAL A 46 -0.30 -15.05 -5.44
CA VAL A 46 -0.44 -15.99 -4.31
C VAL A 46 0.88 -16.75 -4.19
N ILE A 47 1.20 -17.24 -3.00
CA ILE A 47 2.31 -18.19 -2.71
C ILE A 47 1.70 -19.54 -2.33
N PRO A 48 2.50 -20.63 -2.42
CA PRO A 48 2.11 -21.92 -1.85
C PRO A 48 1.77 -21.82 -0.34
N TRP A 49 0.79 -22.61 0.06
CA TRP A 49 0.34 -22.67 1.47
C TRP A 49 0.02 -24.13 1.77
N LEU A 50 -1.24 -24.52 1.93
CA LEU A 50 -1.57 -25.96 2.08
C LEU A 50 -1.23 -26.71 0.78
N ALA A 51 -1.25 -26.05 -0.36
CA ALA A 51 -0.68 -26.61 -1.61
C ALA A 51 0.78 -26.14 -1.75
N LYS A 52 1.74 -27.06 -1.72
CA LYS A 52 3.18 -26.73 -1.97
C LYS A 52 3.43 -26.37 -3.45
N SER A 53 2.64 -26.86 -4.41
CA SER A 53 2.82 -26.53 -5.86
C SER A 53 1.58 -26.92 -6.66
N TRP A 54 1.51 -26.54 -7.92
CA TRP A 54 0.38 -26.89 -8.82
C TRP A 54 0.72 -26.73 -10.31
N THR A 55 -0.07 -27.38 -11.18
CA THR A 55 0.02 -27.35 -12.66
C THR A 55 -1.39 -27.18 -13.22
N HIS A 56 -1.51 -26.68 -14.46
CA HIS A 56 -2.79 -26.54 -15.18
C HIS A 56 -2.69 -27.18 -16.57
N SER A 57 -3.84 -27.64 -17.10
CA SER A 57 -4.00 -28.08 -18.50
C SER A 57 -3.66 -26.91 -19.42
N GLU A 58 -3.24 -27.20 -20.66
CA GLU A 58 -3.02 -26.20 -21.72
C GLU A 58 -4.27 -25.31 -21.79
N ASP A 59 -5.48 -25.88 -21.80
CA ASP A 59 -6.73 -25.09 -22.00
C ASP A 59 -7.09 -24.26 -20.75
N GLY A 60 -6.40 -24.47 -19.61
CA GLY A 60 -6.58 -23.74 -18.34
C GLY A 60 -7.84 -24.12 -17.55
N LYS A 61 -8.41 -25.30 -17.79
CA LYS A 61 -9.69 -25.71 -17.15
C LYS A 61 -9.43 -26.76 -16.06
N THR A 62 -8.28 -27.45 -16.10
CA THR A 62 -7.91 -28.55 -15.18
C THR A 62 -6.65 -28.17 -14.41
N TRP A 63 -6.73 -28.05 -13.08
CA TRP A 63 -5.56 -27.76 -12.21
C TRP A 63 -5.32 -28.93 -11.25
N THR A 64 -4.06 -29.24 -11.01
CA THR A 64 -3.60 -30.25 -10.04
C THR A 64 -2.70 -29.59 -8.99
N PHE A 65 -3.07 -29.73 -7.72
CA PHE A 65 -2.33 -29.17 -6.57
C PHE A 65 -1.62 -30.31 -5.87
N THR A 66 -0.34 -30.12 -5.62
CA THR A 66 0.46 -31.00 -4.75
C THR A 66 0.34 -30.44 -3.35
N LEU A 67 -0.24 -31.21 -2.43
CA LEU A 67 -0.46 -30.70 -1.06
C LEU A 67 0.73 -31.06 -0.19
N ARG A 68 0.95 -30.27 0.85
CA ARG A 68 1.84 -30.57 1.98
C ARG A 68 1.40 -31.92 2.55
N ASP A 69 2.35 -32.69 3.10
CA ASP A 69 2.08 -34.02 3.72
C ASP A 69 2.29 -33.92 5.23
N ASP A 70 2.56 -32.75 5.77
CA ASP A 70 2.93 -32.60 7.20
C ASP A 70 1.83 -31.86 7.98
N VAL A 71 0.65 -31.62 7.41
CA VAL A 71 -0.32 -30.72 8.08
C VAL A 71 -1.35 -31.57 8.83
N LYS A 72 -1.60 -31.24 10.08
CA LYS A 72 -2.73 -31.81 10.86
C LYS A 72 -3.71 -30.65 11.14
N PHE A 73 -4.98 -30.97 11.10
CA PHE A 73 -6.03 -30.22 11.83
C PHE A 73 -5.61 -30.19 13.31
N SER A 74 -6.13 -29.21 14.04
CA SER A 74 -5.77 -28.92 15.44
C SER A 74 -6.18 -30.08 16.34
N ASN A 75 -7.14 -30.88 15.90
CA ASN A 75 -7.67 -32.07 16.62
C ASN A 75 -6.83 -33.33 16.31
N GLY A 76 -5.70 -33.20 15.61
CA GLY A 76 -4.78 -34.32 15.29
C GLY A 76 -5.07 -35.03 13.98
N GLU A 77 -6.27 -34.93 13.40
CA GLU A 77 -6.61 -35.58 12.11
C GLU A 77 -5.77 -34.97 10.99
N PRO A 78 -5.40 -35.76 9.95
CA PRO A 78 -4.56 -35.27 8.87
C PRO A 78 -5.33 -34.38 7.89
N PHE A 79 -4.63 -33.38 7.38
CA PHE A 79 -5.03 -32.64 6.17
C PHE A 79 -4.40 -33.38 4.99
N ASP A 80 -5.25 -33.83 4.06
CA ASP A 80 -4.86 -34.55 2.83
C ASP A 80 -5.83 -34.15 1.72
N ALA A 81 -5.63 -34.70 0.54
CA ALA A 81 -6.38 -34.31 -0.66
C ALA A 81 -7.85 -34.70 -0.48
N GLU A 82 -8.09 -35.76 0.31
CA GLU A 82 -9.45 -36.29 0.54
C GLU A 82 -10.22 -35.28 1.40
N ALA A 83 -9.62 -34.82 2.48
CA ALA A 83 -10.21 -33.79 3.36
C ALA A 83 -10.52 -32.54 2.54
N ALA A 84 -9.59 -32.12 1.68
CA ALA A 84 -9.71 -30.91 0.84
C ALA A 84 -10.88 -31.11 -0.13
N ALA A 85 -10.91 -32.24 -0.82
CA ALA A 85 -11.97 -32.57 -1.79
C ALA A 85 -13.33 -32.55 -1.08
N GLU A 86 -13.40 -33.14 0.11
CA GLU A 86 -14.66 -33.22 0.90
C GLU A 86 -15.11 -31.80 1.28
N ASN A 87 -14.19 -30.90 1.61
CA ASN A 87 -14.48 -29.45 1.82
C ASN A 87 -15.05 -28.79 0.54
N PHE A 88 -14.45 -28.99 -0.62
CA PHE A 88 -14.97 -28.40 -1.88
C PHE A 88 -16.41 -28.89 -2.11
N ARG A 89 -16.68 -30.16 -1.83
CA ARG A 89 -18.00 -30.75 -2.09
C ARG A 89 -19.00 -30.09 -1.14
N ALA A 90 -18.64 -29.93 0.13
CA ALA A 90 -19.52 -29.30 1.14
C ALA A 90 -19.85 -27.88 0.72
N VAL A 91 -18.86 -27.15 0.23
CA VAL A 91 -19.04 -25.74 -0.19
C VAL A 91 -19.99 -25.74 -1.42
N LEU A 92 -19.68 -26.56 -2.41
CA LEU A 92 -20.41 -26.51 -3.70
C LEU A 92 -21.79 -27.17 -3.58
N ASP A 93 -22.04 -27.97 -2.55
CA ASP A 93 -23.43 -28.43 -2.24
C ASP A 93 -24.29 -27.21 -1.82
N ASN A 94 -23.70 -26.07 -1.46
CA ASN A 94 -24.43 -24.82 -1.11
C ASN A 94 -24.15 -23.78 -2.20
N ARG A 95 -23.95 -24.25 -3.43
CA ARG A 95 -23.54 -23.41 -4.59
C ARG A 95 -24.37 -22.11 -4.66
N GLN A 96 -25.70 -22.20 -4.48
CA GLN A 96 -26.63 -21.04 -4.59
C GLN A 96 -26.14 -19.88 -3.71
N ARG A 97 -25.64 -20.18 -2.51
CA ARG A 97 -25.24 -19.17 -1.52
C ARG A 97 -23.98 -18.45 -2.00
N HIS A 98 -23.20 -19.02 -2.91
CA HIS A 98 -21.89 -18.49 -3.36
C HIS A 98 -21.99 -17.86 -4.75
N ALA A 99 -23.20 -17.51 -5.22
CA ALA A 99 -23.42 -16.97 -6.58
C ALA A 99 -22.51 -15.77 -6.83
N TRP A 100 -22.33 -14.94 -5.81
CA TRP A 100 -21.50 -13.72 -5.89
C TRP A 100 -20.09 -14.08 -6.31
N LEU A 101 -19.62 -15.30 -6.04
CA LEU A 101 -18.20 -15.67 -6.27
C LEU A 101 -18.15 -16.58 -7.49
N GLU A 102 -17.60 -16.10 -8.60
CA GLU A 102 -17.80 -16.80 -9.89
C GLU A 102 -17.07 -18.16 -9.82
N LEU A 103 -15.99 -18.27 -9.03
CA LEU A 103 -15.24 -19.56 -8.87
C LEU A 103 -16.24 -20.66 -8.46
N ALA A 104 -17.28 -20.33 -7.68
CA ALA A 104 -18.28 -21.32 -7.20
C ALA A 104 -19.18 -21.80 -8.34
N ASN A 105 -19.28 -21.02 -9.42
CA ASN A 105 -20.16 -21.37 -10.57
C ASN A 105 -19.28 -22.00 -11.65
N GLN A 106 -17.96 -21.88 -11.49
CA GLN A 106 -16.93 -22.37 -12.46
C GLN A 106 -16.45 -23.78 -12.12
N ILE A 107 -16.45 -24.16 -10.84
CA ILE A 107 -15.87 -25.46 -10.43
C ILE A 107 -16.84 -26.52 -10.88
N VAL A 108 -16.37 -27.36 -11.78
CA VAL A 108 -17.12 -28.49 -12.40
C VAL A 108 -16.85 -29.74 -11.57
N ASP A 109 -15.60 -29.93 -11.12
CA ASP A 109 -15.22 -31.14 -10.35
C ASP A 109 -13.98 -30.91 -9.47
N VAL A 110 -13.96 -31.58 -8.33
CA VAL A 110 -12.80 -31.62 -7.37
C VAL A 110 -12.68 -33.06 -6.90
N LYS A 111 -11.50 -33.65 -7.00
CA LYS A 111 -11.32 -35.05 -6.54
C LYS A 111 -9.87 -35.23 -6.17
N ALA A 112 -9.66 -35.97 -5.09
CA ALA A 112 -8.35 -36.43 -4.63
C ALA A 112 -7.88 -37.55 -5.56
N LEU A 113 -6.75 -37.35 -6.24
CA LEU A 113 -6.04 -38.38 -7.06
C LEU A 113 -5.16 -39.26 -6.17
N SER A 114 -4.75 -38.78 -5.01
CA SER A 114 -3.90 -39.47 -4.00
C SER A 114 -4.03 -38.72 -2.68
N LYS A 115 -3.21 -39.04 -1.68
CA LYS A 115 -3.23 -38.29 -0.39
C LYS A 115 -2.74 -36.86 -0.61
N THR A 116 -1.95 -36.61 -1.67
CA THR A 116 -1.24 -35.32 -1.86
C THR A 116 -1.57 -34.68 -3.21
N GLU A 117 -2.37 -35.32 -4.08
CA GLU A 117 -2.75 -34.70 -5.38
C GLU A 117 -4.24 -34.36 -5.40
N LEU A 118 -4.56 -33.08 -5.59
CA LEU A 118 -5.95 -32.57 -5.65
C LEU A 118 -6.17 -31.94 -7.02
N GLN A 119 -7.17 -32.44 -7.73
CA GLN A 119 -7.49 -32.01 -9.12
C GLN A 119 -8.78 -31.18 -9.13
N ILE A 120 -8.67 -29.95 -9.60
CA ILE A 120 -9.84 -29.06 -9.76
C ILE A 120 -10.06 -28.79 -11.25
N THR A 121 -11.28 -29.06 -11.71
CA THR A 121 -11.75 -28.80 -13.09
C THR A 121 -12.74 -27.64 -13.11
N LEU A 122 -12.51 -26.71 -14.05
CA LEU A 122 -13.22 -25.40 -14.22
C LEU A 122 -14.00 -25.38 -15.53
N LYS A 123 -15.24 -24.85 -15.52
CA LYS A 123 -16.17 -24.70 -16.68
C LYS A 123 -15.44 -24.02 -17.85
N SER A 124 -14.58 -23.06 -17.52
CA SER A 124 -13.81 -22.24 -18.49
C SER A 124 -12.49 -21.86 -17.81
N ALA A 125 -11.64 -21.08 -18.48
CA ALA A 125 -10.31 -20.66 -17.95
C ALA A 125 -10.49 -19.40 -17.09
N TYR A 126 -10.84 -19.58 -15.82
CA TYR A 126 -11.09 -18.50 -14.84
C TYR A 126 -9.76 -17.92 -14.33
N TYR A 127 -9.39 -16.70 -14.77
CA TYR A 127 -8.09 -16.05 -14.47
C TYR A 127 -7.96 -15.70 -12.98
N PRO A 128 -9.03 -15.29 -12.25
CA PRO A 128 -8.95 -15.03 -10.81
C PRO A 128 -8.95 -16.30 -9.92
N PHE A 129 -8.89 -17.50 -10.52
CA PHE A 129 -8.94 -18.82 -9.84
C PHE A 129 -8.19 -18.84 -8.50
N LEU A 130 -6.90 -18.55 -8.54
CA LEU A 130 -6.01 -18.67 -7.37
C LEU A 130 -6.34 -17.57 -6.36
N GLN A 131 -6.59 -16.34 -6.82
CA GLN A 131 -6.95 -15.25 -5.87
C GLN A 131 -8.25 -15.62 -5.12
N GLU A 132 -9.18 -16.33 -5.76
CA GLU A 132 -10.47 -16.72 -5.12
C GLU A 132 -10.27 -17.90 -4.14
N LEU A 133 -9.35 -18.81 -4.43
CA LEU A 133 -8.93 -19.88 -3.47
C LEU A 133 -8.30 -19.28 -2.20
N ALA A 134 -7.74 -18.07 -2.29
CA ALA A 134 -6.96 -17.47 -1.19
C ALA A 134 -7.89 -16.69 -0.26
N LEU A 135 -9.16 -16.50 -0.63
CA LEU A 135 -10.10 -15.68 0.15
C LEU A 135 -10.35 -16.32 1.53
N PRO A 136 -10.73 -15.52 2.55
CA PRO A 136 -11.10 -16.02 3.87
C PRO A 136 -12.18 -17.11 3.80
N ARG A 137 -13.13 -16.95 2.86
CA ARG A 137 -14.22 -17.93 2.66
C ARG A 137 -14.69 -17.85 1.20
N PRO A 138 -15.32 -18.91 0.67
CA PRO A 138 -15.55 -20.16 1.41
C PRO A 138 -14.56 -21.32 1.20
N PHE A 139 -13.43 -21.13 0.52
CA PHE A 139 -12.61 -22.28 0.06
C PHE A 139 -11.50 -22.60 1.07
N ARG A 140 -11.87 -22.74 2.33
CA ARG A 140 -10.91 -23.14 3.39
C ARG A 140 -11.44 -24.40 4.09
N PHE A 141 -10.58 -25.01 4.91
CA PHE A 141 -10.70 -26.45 5.21
C PHE A 141 -10.97 -26.68 6.68
N ILE A 142 -12.14 -27.24 6.96
CA ILE A 142 -12.47 -27.80 8.28
C ILE A 142 -12.28 -29.32 8.24
N ALA A 143 -11.85 -29.88 9.35
CA ALA A 143 -11.74 -31.35 9.56
C ALA A 143 -13.05 -31.98 9.15
N PRO A 144 -13.09 -32.84 8.12
CA PRO A 144 -14.38 -33.43 7.69
C PRO A 144 -15.11 -34.24 8.76
N SER A 145 -14.43 -34.69 9.83
CA SER A 145 -15.09 -35.28 11.02
C SER A 145 -16.05 -34.28 11.63
N GLN A 146 -15.86 -32.99 11.41
CA GLN A 146 -16.64 -31.96 12.11
C GLN A 146 -17.80 -31.51 11.22
N PHE A 147 -17.97 -32.12 10.04
CA PHE A 147 -19.20 -31.96 9.22
C PHE A 147 -20.40 -32.48 10.06
N LYS A 148 -21.57 -31.90 9.85
CA LYS A 148 -22.85 -32.41 10.37
C LYS A 148 -23.58 -33.12 9.24
N ASN A 149 -23.77 -34.42 9.41
CA ASN A 149 -24.52 -35.27 8.44
C ASN A 149 -23.84 -35.09 7.09
N HIS A 150 -22.50 -35.17 7.05
CA HIS A 150 -21.64 -35.16 5.85
C HIS A 150 -21.82 -33.84 5.06
N GLU A 151 -22.28 -32.75 5.69
CA GLU A 151 -22.38 -31.38 5.10
C GLU A 151 -21.78 -30.35 6.04
N THR A 152 -21.62 -29.12 5.54
CA THR A 152 -21.33 -27.92 6.37
C THR A 152 -22.48 -26.92 6.24
N MET A 153 -23.29 -26.97 5.18
CA MET A 153 -24.28 -25.89 4.92
C MET A 153 -25.36 -25.89 6.02
N ASN A 154 -25.52 -27.00 6.74
CA ASN A 154 -26.49 -27.14 7.85
C ASN A 154 -25.78 -27.06 9.20
N GLY A 155 -24.53 -26.61 9.25
CA GLY A 155 -23.82 -26.37 10.51
C GLY A 155 -22.63 -27.29 10.62
N ILE A 156 -21.78 -27.01 11.60
CA ILE A 156 -20.55 -27.83 11.88
C ILE A 156 -20.60 -28.22 13.35
N LYS A 157 -19.70 -29.09 13.75
CA LYS A 157 -19.55 -29.54 15.15
C LYS A 157 -18.55 -28.59 15.77
N ALA A 158 -17.28 -28.99 15.93
CA ALA A 158 -16.21 -28.13 16.45
C ALA A 158 -15.51 -27.44 15.27
N PRO A 159 -15.20 -26.14 15.44
CA PRO A 159 -14.58 -25.38 14.35
C PRO A 159 -13.08 -25.71 14.19
N ILE A 160 -12.79 -26.94 13.77
CA ILE A 160 -11.41 -27.47 13.66
C ILE A 160 -10.79 -27.12 12.32
N GLY A 161 -9.79 -26.22 12.37
CA GLY A 161 -8.98 -25.80 11.21
C GLY A 161 -7.54 -26.29 11.33
N THR A 162 -6.73 -25.91 10.34
CA THR A 162 -5.27 -26.22 10.26
C THR A 162 -4.48 -25.00 10.78
N GLY A 163 -5.18 -23.94 11.11
CA GLY A 163 -4.62 -22.58 11.25
C GLY A 163 -3.86 -22.33 12.55
N PRO A 164 -3.20 -21.16 12.63
CA PRO A 164 -2.31 -20.87 13.76
C PRO A 164 -3.02 -20.50 15.07
N TRP A 165 -4.34 -20.33 15.01
CA TRP A 165 -5.21 -20.07 16.17
C TRP A 165 -6.28 -21.17 16.30
N ILE A 166 -6.66 -21.41 17.52
CA ILE A 166 -7.79 -22.31 17.87
C ILE A 166 -8.76 -21.47 18.68
N LEU A 167 -10.06 -21.58 18.39
CA LEU A 167 -11.12 -20.99 19.23
C LEU A 167 -11.19 -21.79 20.52
N GLN A 168 -10.98 -21.12 21.64
CA GLN A 168 -11.00 -21.74 22.98
C GLN A 168 -12.44 -21.78 23.46
N GLU A 169 -13.09 -20.64 23.38
CA GLU A 169 -14.50 -20.51 23.81
C GLU A 169 -15.08 -19.20 23.29
N SER A 170 -16.41 -19.21 23.21
N SER A 170 -16.41 -19.21 23.21
CA SER A 170 -17.26 -18.09 22.75
CA SER A 170 -17.27 -18.10 22.76
C SER A 170 -18.40 -17.95 23.75
C SER A 170 -18.39 -17.96 23.77
N LYS A 171 -18.69 -16.73 24.18
CA LYS A 171 -19.86 -16.36 25.02
C LYS A 171 -20.62 -15.26 24.29
N LEU A 172 -21.84 -15.56 23.85
CA LEU A 172 -22.61 -14.68 22.95
C LEU A 172 -22.78 -13.33 23.63
N ASN A 173 -22.45 -12.26 22.91
CA ASN A 173 -22.61 -10.86 23.36
C ASN A 173 -21.61 -10.52 24.49
N GLN A 174 -20.59 -11.34 24.76
CA GLN A 174 -19.58 -11.03 25.82
C GLN A 174 -18.17 -11.07 25.23
N TYR A 175 -17.72 -12.22 24.73
CA TYR A 175 -16.31 -12.39 24.28
C TYR A 175 -16.11 -13.66 23.45
N ASP A 176 -14.95 -13.72 22.83
CA ASP A 176 -14.44 -14.92 22.14
C ASP A 176 -12.98 -15.02 22.55
N VAL A 177 -12.47 -16.21 22.86
CA VAL A 177 -11.05 -16.37 23.25
C VAL A 177 -10.42 -17.32 22.25
N PHE A 178 -9.26 -16.93 21.73
CA PHE A 178 -8.45 -17.78 20.84
C PHE A 178 -7.11 -18.06 21.54
N VAL A 179 -6.56 -19.24 21.29
CA VAL A 179 -5.20 -19.61 21.76
C VAL A 179 -4.40 -20.05 20.55
N ARG A 180 -3.09 -19.84 20.63
CA ARG A 180 -2.10 -20.32 19.66
C ARG A 180 -2.30 -21.82 19.46
N ASN A 181 -2.28 -22.28 18.21
CA ASN A 181 -2.23 -23.72 17.87
C ASN A 181 -0.80 -24.18 18.15
N GLU A 182 -0.59 -25.01 19.18
CA GLU A 182 0.79 -25.44 19.56
C GLU A 182 1.25 -26.54 18.58
N ASN A 183 0.39 -27.02 17.69
CA ASN A 183 0.77 -28.07 16.69
C ASN A 183 0.68 -27.56 15.26
N TYR A 184 0.79 -26.26 15.05
CA TYR A 184 0.68 -25.62 13.72
C TYR A 184 1.85 -26.10 12.85
N TRP A 185 1.57 -26.45 11.58
CA TRP A 185 2.61 -26.83 10.60
C TRP A 185 3.59 -25.68 10.32
N GLY A 186 3.15 -24.42 10.48
CA GLY A 186 3.93 -23.24 10.10
C GLY A 186 4.56 -22.59 11.32
N GLU A 187 4.92 -21.31 11.24
CA GLU A 187 5.62 -20.67 12.39
C GLU A 187 4.55 -20.30 13.43
N LYS A 188 4.87 -20.52 14.70
CA LYS A 188 4.00 -20.22 15.88
C LYS A 188 3.94 -18.70 15.98
N PRO A 189 2.76 -18.10 16.22
CA PRO A 189 2.70 -16.69 16.56
C PRO A 189 3.34 -16.47 17.94
N ALA A 190 3.84 -15.26 18.17
CA ALA A 190 4.49 -14.83 19.43
C ALA A 190 3.38 -14.67 20.48
N ILE A 191 2.19 -14.27 20.06
CA ILE A 191 1.03 -14.13 20.99
C ILE A 191 0.41 -15.51 21.22
N LYS A 192 0.07 -15.79 22.48
CA LYS A 192 -0.39 -17.13 22.91
C LYS A 192 -1.91 -17.12 23.02
N LYS A 193 -2.50 -16.00 23.42
CA LYS A 193 -3.96 -15.91 23.70
C LYS A 193 -4.48 -14.53 23.26
N ILE A 194 -5.60 -14.49 22.55
CA ILE A 194 -6.30 -13.25 22.17
C ILE A 194 -7.72 -13.35 22.66
N THR A 195 -8.15 -12.37 23.43
CA THR A 195 -9.54 -12.21 23.90
C THR A 195 -10.18 -11.09 23.08
N PHE A 196 -11.33 -11.38 22.45
CA PHE A 196 -12.20 -10.39 21.77
C PHE A 196 -13.34 -10.06 22.72
N ASN A 197 -13.35 -8.84 23.24
CA ASN A 197 -14.50 -8.29 23.99
C ASN A 197 -15.53 -7.81 22.96
N VAL A 198 -16.80 -8.23 23.11
CA VAL A 198 -17.86 -7.79 22.17
C VAL A 198 -18.27 -6.40 22.62
N ILE A 199 -17.94 -5.37 21.82
CA ILE A 199 -18.25 -3.97 22.19
C ILE A 199 -18.83 -3.30 20.96
N PRO A 200 -20.17 -3.24 20.86
CA PRO A 200 -20.81 -2.83 19.62
C PRO A 200 -20.66 -1.35 19.27
N ASP A 201 -20.59 -0.47 20.27
CA ASP A 201 -20.59 1.03 20.12
C ASP A 201 -19.17 1.54 19.91
N PRO A 202 -18.89 2.35 18.87
CA PRO A 202 -17.55 2.92 18.69
C PRO A 202 -17.03 3.75 19.89
N THR A 203 -17.88 4.58 20.50
CA THR A 203 -17.48 5.38 21.70
C THR A 203 -17.09 4.40 22.83
N THR A 204 -17.91 3.40 23.08
CA THR A 204 -17.62 2.43 24.17
C THR A 204 -16.27 1.75 23.88
N ARG A 205 -15.92 1.50 22.61
CA ARG A 205 -14.62 0.87 22.27
C ARG A 205 -13.45 1.82 22.64
N ALA A 206 -13.58 3.12 22.33
CA ALA A 206 -12.57 4.14 22.70
C ALA A 206 -12.39 4.16 24.23
N VAL A 207 -13.51 4.21 24.93
CA VAL A 207 -13.53 4.24 26.42
C VAL A 207 -12.85 2.97 26.94
N ALA A 208 -13.16 1.79 26.37
CA ALA A 208 -12.54 0.52 26.82
C ALA A 208 -11.00 0.62 26.68
N PHE A 209 -10.50 1.19 25.59
CA PHE A 209 -9.03 1.35 25.39
C PHE A 209 -8.49 2.34 26.43
N GLU A 210 -9.17 3.47 26.63
CA GLU A 210 -8.66 4.53 27.57
C GLU A 210 -8.61 4.01 29.01
N THR A 211 -9.52 3.11 29.41
CA THR A 211 -9.60 2.57 30.79
C THR A 211 -8.58 1.44 30.97
N GLY A 212 -7.93 0.95 29.91
CA GLY A 212 -7.02 -0.21 29.97
C GLY A 212 -7.73 -1.55 29.83
N ASP A 213 -9.04 -1.60 29.64
CA ASP A 213 -9.80 -2.87 29.49
C ASP A 213 -9.34 -3.62 28.24
N ILE A 214 -8.88 -2.92 27.20
CA ILE A 214 -8.35 -3.59 25.97
C ILE A 214 -7.00 -2.99 25.62
N ASP A 215 -6.24 -3.66 24.75
CA ASP A 215 -4.80 -3.45 24.43
C ASP A 215 -4.71 -2.96 22.97
N LEU A 216 -5.75 -3.24 22.19
CA LEU A 216 -5.64 -3.16 20.72
C LEU A 216 -7.03 -2.96 20.15
N LEU A 217 -7.15 -1.99 19.24
CA LEU A 217 -8.30 -1.79 18.36
C LEU A 217 -7.72 -1.79 16.93
N TYR A 218 -8.39 -2.50 16.03
CA TYR A 218 -7.98 -2.71 14.63
C TYR A 218 -9.26 -2.78 13.83
N GLY A 219 -9.44 -1.88 12.84
CA GLY A 219 -10.64 -1.89 11.99
C GLY A 219 -10.64 -0.78 10.97
N ASN A 220 -11.80 -0.54 10.35
CA ASN A 220 -11.96 0.42 9.25
C ASN A 220 -12.33 1.77 9.88
N GLU A 221 -12.88 2.69 9.10
CA GLU A 221 -13.11 4.09 9.54
C GLU A 221 -14.21 4.12 10.61
N GLY A 222 -14.93 3.03 10.82
CA GLY A 222 -15.97 2.92 11.85
C GLY A 222 -15.43 2.40 13.18
N LEU A 223 -14.12 2.15 13.29
CA LEU A 223 -13.54 1.48 14.48
C LEU A 223 -13.80 2.30 15.76
N LEU A 224 -13.60 3.62 15.71
CA LEU A 224 -13.88 4.49 16.88
C LEU A 224 -14.14 5.90 16.35
N PRO A 225 -14.69 6.81 17.18
CA PRO A 225 -14.94 8.18 16.73
C PRO A 225 -13.62 8.77 16.20
N LEU A 226 -13.68 9.41 15.04
CA LEU A 226 -12.44 9.78 14.33
C LEU A 226 -11.83 11.01 15.00
N ASP A 227 -12.62 11.84 15.69
CA ASP A 227 -12.07 12.94 16.50
C ASP A 227 -11.26 12.37 17.67
N THR A 228 -11.74 11.32 18.29
CA THR A 228 -11.03 10.60 19.36
C THR A 228 -9.76 9.94 18.80
N PHE A 229 -9.84 9.27 17.66
CA PHE A 229 -8.64 8.69 17.00
C PHE A 229 -7.58 9.78 16.84
N ALA A 230 -7.93 10.93 16.28
CA ALA A 230 -7.01 12.08 16.04
C ALA A 230 -6.37 12.49 17.36
N ARG A 231 -7.16 12.61 18.44
CA ARG A 231 -6.63 12.88 19.80
C ARG A 231 -5.65 11.79 20.28
N PHE A 232 -6.01 10.51 20.12
CA PHE A 232 -5.15 9.36 20.48
C PHE A 232 -3.85 9.42 19.72
N SER A 233 -3.87 9.90 18.48
CA SER A 233 -2.65 9.98 17.62
C SER A 233 -1.65 11.00 18.18
N GLN A 234 -2.10 11.90 19.07
CA GLN A 234 -1.22 12.91 19.69
C GLN A 234 -0.88 12.54 21.14
N ASN A 235 -1.46 11.48 21.66
CA ASN A 235 -1.34 11.10 23.09
C ASN A 235 -0.09 10.22 23.22
N PRO A 236 0.96 10.67 23.93
CA PRO A 236 2.19 9.88 23.99
C PRO A 236 2.02 8.57 24.78
N ALA A 237 0.90 8.37 25.48
CA ALA A 237 0.65 7.09 26.21
C ALA A 237 0.22 6.01 25.21
N TYR A 238 -0.23 6.42 24.02
CA TYR A 238 -0.86 5.50 23.04
C TYR A 238 -0.03 5.36 21.77
N HIS A 239 -0.29 4.32 21.01
CA HIS A 239 0.18 4.07 19.62
C HIS A 239 -1.05 4.07 18.73
N THR A 240 -0.94 4.74 17.57
CA THR A 240 -1.99 4.72 16.53
C THR A 240 -1.31 4.59 15.19
N GLN A 241 -2.08 4.08 14.24
CA GLN A 241 -1.66 3.86 12.86
C GLN A 241 -2.87 4.15 11.97
N LEU A 242 -2.59 4.61 10.76
CA LEU A 242 -3.61 4.81 9.71
C LEU A 242 -3.01 4.28 8.41
N SER A 243 -3.60 3.23 7.84
CA SER A 243 -3.07 2.54 6.65
C SER A 243 -3.19 3.47 5.46
N GLN A 244 -2.57 3.07 4.36
CA GLN A 244 -2.95 3.57 3.02
C GLN A 244 -4.34 3.02 2.71
N PRO A 245 -5.13 3.71 1.87
CA PRO A 245 -6.53 3.34 1.67
C PRO A 245 -6.70 1.89 1.19
N ILE A 246 -7.82 1.28 1.50
CA ILE A 246 -8.06 -0.16 1.22
C ILE A 246 -9.27 -0.35 0.32
N GLU A 247 -10.23 0.59 0.30
CA GLU A 247 -11.49 0.38 -0.47
C GLU A 247 -12.24 1.69 -0.54
N THR A 248 -13.28 1.72 -1.37
CA THR A 248 -14.12 2.90 -1.64
C THR A 248 -15.39 2.85 -0.80
N VAL A 249 -15.75 4.00 -0.25
CA VAL A 249 -17.12 4.25 0.27
C VAL A 249 -17.80 5.18 -0.72
N MET A 250 -19.00 4.80 -1.15
CA MET A 250 -19.73 5.56 -2.18
C MET A 250 -21.23 5.49 -1.88
N LEU A 251 -22.00 6.34 -2.53
CA LEU A 251 -23.44 6.12 -2.73
C LEU A 251 -23.64 5.37 -4.04
N ALA A 252 -24.63 4.48 -4.04
CA ALA A 252 -25.19 3.85 -5.24
C ALA A 252 -26.49 4.60 -5.52
N LEU A 253 -26.63 5.06 -6.75
CA LEU A 253 -27.79 5.84 -7.24
C LEU A 253 -28.69 4.90 -8.04
N ASN A 254 -29.99 4.86 -7.74
CA ASN A 254 -30.92 3.92 -8.39
C ASN A 254 -31.26 4.39 -9.81
N THR A 255 -30.65 3.76 -10.83
CA THR A 255 -30.90 4.14 -12.24
C THR A 255 -32.31 3.71 -12.69
N ALA A 256 -33.02 2.89 -11.91
CA ALA A 256 -34.37 2.41 -12.28
C ALA A 256 -35.45 3.13 -11.47
N LYS A 257 -35.15 4.17 -10.68
CA LYS A 257 -36.18 4.85 -9.86
C LYS A 257 -36.14 6.36 -10.06
N ALA A 258 -37.30 7.01 -10.30
CA ALA A 258 -37.34 8.49 -10.42
C ALA A 258 -36.86 9.09 -9.10
N PRO A 259 -36.10 10.21 -9.05
CA PRO A 259 -35.55 10.90 -10.22
C PRO A 259 -34.11 10.50 -10.57
N THR A 260 -33.53 9.51 -9.88
CA THR A 260 -32.13 9.03 -10.11
C THR A 260 -32.10 8.16 -11.38
N ASN A 261 -33.26 7.93 -12.00
CA ASN A 261 -33.34 7.26 -13.33
C ASN A 261 -32.83 8.22 -14.42
N GLU A 262 -32.73 9.52 -14.14
CA GLU A 262 -32.23 10.51 -15.11
C GLU A 262 -30.71 10.67 -14.98
N LEU A 263 -30.01 10.47 -16.08
CA LEU A 263 -28.54 10.63 -16.15
C LEU A 263 -28.17 12.04 -15.68
N ALA A 264 -28.96 13.03 -16.08
CA ALA A 264 -28.64 14.43 -15.77
C ALA A 264 -28.74 14.63 -14.27
N VAL A 265 -29.68 13.96 -13.60
CA VAL A 265 -29.81 14.07 -12.12
C VAL A 265 -28.60 13.41 -11.48
N ARG A 266 -28.20 12.22 -11.94
CA ARG A 266 -27.04 11.51 -11.37
C ARG A 266 -25.76 12.32 -11.54
N GLU A 267 -25.56 12.93 -12.71
CA GLU A 267 -24.36 13.77 -12.96
C GLU A 267 -24.41 14.97 -12.00
N ALA A 268 -25.57 15.61 -11.84
CA ALA A 268 -25.66 16.80 -10.96
C ALA A 268 -25.28 16.40 -9.55
N LEU A 269 -25.84 15.30 -9.04
CA LEU A 269 -25.58 14.84 -7.66
C LEU A 269 -24.08 14.61 -7.52
N ASN A 270 -23.43 14.13 -8.57
CA ASN A 270 -21.96 13.88 -8.56
C ASN A 270 -21.16 15.19 -8.52
N TYR A 271 -21.75 16.35 -8.83
CA TYR A 271 -21.08 17.69 -8.73
C TYR A 271 -21.49 18.40 -7.43
N ALA A 272 -22.48 17.86 -6.71
CA ALA A 272 -23.17 18.55 -5.61
C ALA A 272 -22.38 18.42 -4.31
N VAL A 273 -21.63 17.33 -4.12
CA VAL A 273 -21.09 17.01 -2.77
C VAL A 273 -19.69 17.58 -2.68
N ASN A 274 -19.41 18.38 -1.66
CA ASN A 274 -18.03 18.80 -1.32
C ASN A 274 -17.44 17.68 -0.48
N LYS A 275 -16.69 16.78 -1.13
CA LYS A 275 -16.20 15.55 -0.49
C LYS A 275 -15.09 15.92 0.50
N LYS A 276 -14.26 16.88 0.16
CA LYS A 276 -13.13 17.30 1.03
C LYS A 276 -13.76 17.83 2.32
N SER A 277 -14.76 18.69 2.21
CA SER A 277 -15.46 19.22 3.41
C SER A 277 -16.19 18.11 4.15
N LEU A 278 -16.77 17.14 3.43
CA LEU A 278 -17.48 16.02 4.10
C LEU A 278 -16.45 15.27 4.94
N ILE A 279 -15.31 14.94 4.35
CA ILE A 279 -14.22 14.21 5.03
C ILE A 279 -13.71 15.07 6.21
N ASP A 280 -13.54 16.39 6.05
CA ASP A 280 -12.94 17.23 7.13
C ASP A 280 -13.94 17.34 8.29
N ASN A 281 -15.23 17.33 7.97
CA ASN A 281 -16.35 17.63 8.88
C ASN A 281 -16.77 16.33 9.59
N ALA A 282 -17.01 15.24 8.83
CA ALA A 282 -17.62 13.99 9.36
C ALA A 282 -16.54 12.96 9.67
N LEU A 283 -15.44 12.96 8.94
CA LEU A 283 -14.37 11.93 9.05
CA LEU A 283 -14.37 11.94 9.04
C LEU A 283 -13.11 12.57 9.65
N TYR A 284 -13.25 13.78 10.20
CA TYR A 284 -12.18 14.54 10.89
C TYR A 284 -10.89 14.60 10.07
N GLY A 285 -11.03 14.70 8.75
CA GLY A 285 -9.91 14.82 7.81
C GLY A 285 -9.01 13.59 7.75
N THR A 286 -9.46 12.40 8.19
CA THR A 286 -8.62 11.18 8.30
C THR A 286 -8.63 10.33 7.02
N GLN A 287 -9.54 10.59 6.10
CA GLN A 287 -9.72 9.73 4.88
C GLN A 287 -9.44 10.56 3.62
N GLN A 288 -9.39 9.87 2.48
CA GLN A 288 -9.02 10.44 1.16
CA GLN A 288 -9.03 10.46 1.17
C GLN A 288 -10.30 10.64 0.34
N VAL A 289 -10.35 11.69 -0.47
CA VAL A 289 -11.48 11.96 -1.38
C VAL A 289 -11.42 10.92 -2.49
N ALA A 290 -12.56 10.37 -2.88
CA ALA A 290 -12.70 9.41 -4.00
C ALA A 290 -13.43 10.09 -5.15
N ASP A 291 -12.89 9.97 -6.36
CA ASP A 291 -13.52 10.55 -7.58
C ASP A 291 -14.10 9.43 -8.45
N THR A 292 -13.63 8.19 -8.29
CA THR A 292 -13.99 7.02 -9.12
C THR A 292 -14.35 5.85 -8.20
N LEU A 293 -15.25 5.00 -8.68
CA LEU A 293 -15.63 3.72 -8.02
C LEU A 293 -14.39 3.05 -7.44
N PHE A 294 -13.35 2.87 -8.26
CA PHE A 294 -12.04 2.32 -7.80
C PHE A 294 -11.00 3.41 -7.85
N ALA A 295 -10.18 3.47 -6.79
CA ALA A 295 -8.96 4.29 -6.78
C ALA A 295 -8.05 3.88 -7.94
N PRO A 296 -7.35 4.85 -8.54
CA PRO A 296 -6.46 4.61 -9.68
C PRO A 296 -5.35 3.59 -9.42
N SER A 297 -5.07 3.27 -8.16
CA SER A 297 -4.11 2.28 -7.67
C SER A 297 -4.67 0.85 -7.75
N VAL A 298 -5.98 0.70 -7.98
CA VAL A 298 -6.62 -0.64 -8.02
C VAL A 298 -6.22 -1.29 -9.35
N PRO A 299 -5.93 -2.59 -9.36
CA PRO A 299 -5.61 -3.26 -10.62
C PRO A 299 -6.65 -2.99 -11.72
N TYR A 300 -6.17 -2.70 -12.93
CA TYR A 300 -7.01 -2.48 -14.13
C TYR A 300 -7.86 -1.21 -14.05
N ALA A 301 -7.71 -0.33 -13.04
CA ALA A 301 -8.62 0.82 -12.82
C ALA A 301 -7.89 2.15 -13.01
N ASN A 302 -6.66 2.13 -13.49
CA ASN A 302 -5.96 3.39 -13.84
C ASN A 302 -6.39 3.81 -15.25
N LEU A 303 -7.57 4.41 -15.40
CA LEU A 303 -8.19 4.59 -16.74
C LEU A 303 -8.24 6.07 -17.18
N GLY A 304 -7.76 6.99 -16.34
CA GLY A 304 -7.84 8.44 -16.59
C GLY A 304 -9.28 8.91 -16.68
N LEU A 305 -10.20 8.29 -15.92
CA LEU A 305 -11.62 8.73 -15.83
C LEU A 305 -11.66 10.20 -15.34
N LYS A 306 -12.52 11.02 -15.93
CA LYS A 306 -12.65 12.47 -15.58
C LYS A 306 -13.44 12.60 -14.27
N PRO A 307 -12.85 13.13 -13.18
CA PRO A 307 -13.59 13.33 -11.93
C PRO A 307 -14.68 14.40 -12.06
N SER A 308 -15.76 14.25 -11.32
CA SER A 308 -16.75 15.34 -11.12
C SER A 308 -16.37 16.05 -9.83
N GLN A 309 -15.64 17.16 -9.93
CA GLN A 309 -15.20 17.97 -8.76
C GLN A 309 -16.42 18.72 -8.25
N TYR A 310 -16.40 19.13 -6.99
CA TYR A 310 -17.47 19.91 -6.36
C TYR A 310 -17.68 21.18 -7.18
N ASP A 311 -18.91 21.39 -7.65
CA ASP A 311 -19.19 22.47 -8.62
C ASP A 311 -20.71 22.68 -8.59
N PRO A 312 -21.21 23.34 -7.55
CA PRO A 312 -22.66 23.51 -7.41
C PRO A 312 -23.25 24.26 -8.62
N GLN A 313 -22.51 25.22 -9.18
CA GLN A 313 -22.94 25.96 -10.40
C GLN A 313 -23.19 24.95 -11.55
N LYS A 314 -22.25 24.07 -11.83
CA LYS A 314 -22.44 23.04 -12.87
C LYS A 314 -23.62 22.11 -12.51
N ALA A 315 -23.78 21.72 -11.24
CA ALA A 315 -24.87 20.82 -10.80
C ALA A 315 -26.22 21.46 -11.09
N LYS A 316 -26.40 22.71 -10.69
CA LYS A 316 -27.62 23.49 -10.98
C LYS A 316 -27.83 23.57 -12.50
N ALA A 317 -26.77 23.82 -13.28
CA ALA A 317 -26.94 24.00 -14.74
C ALA A 317 -27.43 22.68 -15.37
N LEU A 318 -26.88 21.55 -14.90
CA LEU A 318 -27.28 20.20 -15.37
C LEU A 318 -28.75 19.96 -15.05
N LEU A 319 -29.21 20.34 -13.86
CA LEU A 319 -30.63 20.16 -13.47
C LEU A 319 -31.54 21.13 -14.25
N GLU A 320 -31.13 22.39 -14.40
CA GLU A 320 -31.89 23.37 -15.22
C GLU A 320 -32.08 22.82 -16.64
N LYS A 321 -31.01 22.30 -17.25
CA LYS A 321 -31.03 21.86 -18.67
C LYS A 321 -31.97 20.67 -18.79
N ALA A 322 -32.13 19.87 -17.72
CA ALA A 322 -32.98 18.66 -17.70
C ALA A 322 -34.42 18.97 -17.26
N GLY A 323 -34.75 20.24 -17.06
CA GLY A 323 -36.14 20.67 -16.82
C GLY A 323 -36.45 20.73 -15.35
N TRP A 324 -35.42 20.66 -14.50
CA TRP A 324 -35.61 20.73 -13.03
C TRP A 324 -35.34 22.17 -12.61
N THR A 325 -36.37 22.96 -12.43
CA THR A 325 -36.23 24.43 -12.19
C THR A 325 -36.92 24.81 -10.88
N LEU A 326 -36.51 25.92 -10.29
CA LEU A 326 -37.00 26.39 -8.98
C LEU A 326 -38.32 27.12 -9.18
N PRO A 327 -39.43 26.69 -8.53
CA PRO A 327 -40.66 27.49 -8.44
C PRO A 327 -40.38 28.82 -7.76
N ALA A 328 -41.17 29.85 -8.08
CA ALA A 328 -41.15 31.19 -7.45
C ALA A 328 -40.94 31.04 -5.93
N GLY A 329 -39.83 31.61 -5.45
CA GLY A 329 -39.41 31.58 -4.02
C GLY A 329 -39.60 30.21 -3.39
N LYS A 330 -39.02 29.15 -3.99
CA LYS A 330 -38.88 27.81 -3.33
C LYS A 330 -37.45 27.32 -3.53
N ASP A 331 -36.98 26.44 -2.66
CA ASP A 331 -35.57 25.95 -2.67
C ASP A 331 -35.48 24.60 -3.42
N ILE A 332 -36.59 23.89 -3.58
CA ILE A 332 -36.59 22.52 -4.17
C ILE A 332 -37.11 22.62 -5.59
N ARG A 333 -36.34 22.07 -6.51
CA ARG A 333 -36.67 22.06 -7.96
C ARG A 333 -37.91 21.20 -8.22
N GLU A 334 -38.58 21.49 -9.31
CA GLU A 334 -39.78 20.76 -9.77
C GLU A 334 -39.64 20.54 -11.26
N LYS A 335 -40.25 19.46 -11.73
CA LYS A 335 -40.39 19.12 -13.15
C LYS A 335 -41.74 18.41 -13.30
N ASN A 336 -42.67 18.99 -14.07
CA ASN A 336 -44.02 18.39 -14.29
C ASN A 336 -44.79 18.45 -12.96
N GLY A 337 -44.56 19.51 -12.17
CA GLY A 337 -45.05 19.65 -10.78
C GLY A 337 -44.46 18.66 -9.78
N GLN A 338 -43.62 17.69 -10.18
CA GLN A 338 -42.98 16.71 -9.25
C GLN A 338 -41.72 17.32 -8.64
N PRO A 339 -41.61 17.45 -7.30
CA PRO A 339 -40.40 17.96 -6.67
C PRO A 339 -39.21 17.01 -6.86
N LEU A 340 -38.00 17.56 -6.91
CA LEU A 340 -36.74 16.77 -6.99
C LEU A 340 -36.46 16.19 -5.60
N ARG A 341 -37.07 15.06 -5.30
CA ARG A 341 -37.02 14.40 -3.97
C ARG A 341 -36.36 13.04 -4.13
N ILE A 342 -35.32 12.82 -3.35
CA ILE A 342 -34.50 11.57 -3.39
C ILE A 342 -34.43 11.02 -1.98
N GLU A 343 -34.64 9.71 -1.80
CA GLU A 343 -34.46 9.09 -0.46
C GLU A 343 -33.05 8.54 -0.31
N LEU A 344 -32.40 8.87 0.81
CA LEU A 344 -31.05 8.35 1.16
C LEU A 344 -31.25 7.38 2.34
N SER A 345 -31.01 6.09 2.06
CA SER A 345 -31.15 4.94 2.99
C SER A 345 -29.83 4.65 3.69
N PHE A 346 -29.85 4.51 5.03
CA PHE A 346 -28.65 4.14 5.79
C PHE A 346 -29.05 3.49 7.11
N ILE A 347 -28.05 2.86 7.71
CA ILE A 347 -28.24 2.20 9.03
C ILE A 347 -28.34 3.31 10.05
N GLY A 348 -29.55 3.49 10.60
CA GLY A 348 -29.91 4.66 11.43
C GLY A 348 -29.12 4.74 12.74
N THR A 349 -28.59 3.62 13.24
CA THR A 349 -27.78 3.63 14.50
C THR A 349 -26.31 3.90 14.19
N ASP A 350 -25.92 3.96 12.92
CA ASP A 350 -24.51 4.20 12.51
C ASP A 350 -24.29 5.71 12.50
N ALA A 351 -23.64 6.22 13.55
CA ALA A 351 -23.46 7.66 13.81
C ALA A 351 -22.69 8.29 12.64
N LEU A 352 -21.68 7.59 12.13
CA LEU A 352 -20.86 8.12 11.02
C LEU A 352 -21.72 8.19 9.74
N SER A 353 -22.45 7.15 9.41
CA SER A 353 -23.40 7.15 8.26
C SER A 353 -24.38 8.31 8.40
N LYS A 354 -24.91 8.50 9.61
CA LYS A 354 -25.93 9.53 9.85
C LYS A 354 -25.32 10.91 9.58
N SER A 355 -24.08 11.14 10.05
CA SER A 355 -23.36 12.41 9.90
CA SER A 355 -23.36 12.42 9.90
C SER A 355 -23.09 12.69 8.43
N MET A 356 -22.57 11.69 7.73
CA MET A 356 -22.32 11.87 6.29
C MET A 356 -23.64 12.16 5.58
N ALA A 357 -24.71 11.40 5.91
CA ALA A 357 -26.01 11.54 5.24
C ALA A 357 -26.52 12.98 5.43
N GLU A 358 -26.28 13.57 6.60
CA GLU A 358 -26.73 14.95 6.92
C GLU A 358 -25.94 15.96 6.09
N ILE A 359 -24.64 15.76 5.92
CA ILE A 359 -23.83 16.64 5.05
C ILE A 359 -24.30 16.49 3.59
N ILE A 360 -24.56 15.26 3.11
CA ILE A 360 -25.02 15.02 1.72
C ILE A 360 -26.38 15.69 1.52
N GLN A 361 -27.31 15.56 2.49
CA GLN A 361 -28.64 16.23 2.44
C GLN A 361 -28.49 17.77 2.29
N ALA A 362 -27.63 18.40 3.08
CA ALA A 362 -27.42 19.86 3.05
C ALA A 362 -26.78 20.28 1.71
N ASP A 363 -25.70 19.62 1.25
CA ASP A 363 -25.02 19.98 -0.02
C ASP A 363 -26.03 19.86 -1.16
N MET A 364 -26.88 18.83 -1.15
CA MET A 364 -27.79 18.60 -2.30
C MET A 364 -28.95 19.61 -2.27
N ARG A 365 -29.35 20.05 -1.08
CA ARG A 365 -30.37 21.12 -0.92
C ARG A 365 -29.83 22.42 -1.51
N GLN A 366 -28.53 22.68 -1.40
CA GLN A 366 -27.91 23.90 -2.00
C GLN A 366 -28.04 23.90 -3.52
N ILE A 367 -28.25 22.75 -4.17
CA ILE A 367 -28.48 22.69 -5.64
C ILE A 367 -29.93 22.34 -5.95
N GLY A 368 -30.82 22.35 -4.96
CA GLY A 368 -32.28 22.26 -5.21
C GLY A 368 -32.83 20.85 -5.20
N ALA A 369 -32.07 19.88 -4.66
CA ALA A 369 -32.53 18.48 -4.46
C ALA A 369 -32.93 18.30 -2.99
N ASP A 370 -34.15 17.80 -2.75
CA ASP A 370 -34.63 17.44 -1.39
C ASP A 370 -34.29 15.99 -1.10
N VAL A 371 -33.25 15.75 -0.33
CA VAL A 371 -32.89 14.38 0.13
C VAL A 371 -33.66 14.10 1.42
N SER A 372 -34.50 13.07 1.43
CA SER A 372 -35.10 12.53 2.68
C SER A 372 -34.16 11.47 3.23
N LEU A 373 -33.78 11.60 4.50
CA LEU A 373 -32.96 10.64 5.24
C LEU A 373 -33.87 9.52 5.80
N ILE A 374 -33.58 8.27 5.41
CA ILE A 374 -34.25 7.02 5.86
C ILE A 374 -33.22 6.20 6.64
N GLY A 375 -33.14 6.46 7.93
CA GLY A 375 -32.30 5.73 8.89
C GLY A 375 -33.04 4.52 9.37
N GLU A 376 -32.55 3.31 9.10
CA GLU A 376 -33.29 2.11 9.49
C GLU A 376 -32.35 1.08 10.11
N GLU A 377 -32.94 0.07 10.73
CA GLU A 377 -32.13 -1.05 11.27
C GLU A 377 -31.49 -1.79 10.09
N GLU A 378 -30.37 -2.44 10.38
CA GLU A 378 -29.47 -3.13 9.43
C GLU A 378 -30.27 -4.08 8.52
N SER A 379 -31.11 -4.95 9.09
CA SER A 379 -31.88 -5.91 8.28
C SER A 379 -32.71 -5.19 7.20
N SER A 380 -33.34 -4.06 7.53
CA SER A 380 -34.20 -3.29 6.59
CA SER A 380 -34.20 -3.29 6.59
C SER A 380 -33.33 -2.67 5.49
N ILE A 381 -32.11 -2.26 5.82
CA ILE A 381 -31.18 -1.65 4.83
C ILE A 381 -30.69 -2.76 3.90
N TYR A 382 -30.32 -3.94 4.41
CA TYR A 382 -29.88 -5.05 3.51
C TYR A 382 -31.07 -5.48 2.65
N ALA A 383 -32.29 -5.45 3.20
CA ALA A 383 -33.52 -5.82 2.44
C ALA A 383 -33.66 -4.84 1.26
N ARG A 384 -33.45 -3.56 1.52
CA ARG A 384 -33.59 -2.50 0.50
C ARG A 384 -32.56 -2.72 -0.59
N GLN A 385 -31.34 -3.05 -0.19
CA GLN A 385 -30.21 -3.28 -1.12
C GLN A 385 -30.56 -4.40 -2.10
N ARG A 386 -31.06 -5.53 -1.59
CA ARG A 386 -31.31 -6.75 -2.40
C ARG A 386 -32.44 -6.52 -3.39
N ASP A 387 -33.44 -5.69 -3.05
CA ASP A 387 -34.66 -5.59 -3.89
C ASP A 387 -34.73 -4.21 -4.54
N GLY A 388 -33.69 -3.35 -4.42
CA GLY A 388 -33.66 -2.04 -5.12
C GLY A 388 -34.69 -1.04 -4.60
N ARG A 389 -35.08 -1.16 -3.34
CA ARG A 389 -36.02 -0.21 -2.70
CA ARG A 389 -36.02 -0.22 -2.68
C ARG A 389 -35.21 0.91 -2.05
N PHE A 390 -34.52 1.69 -2.88
CA PHE A 390 -33.71 2.85 -2.44
C PHE A 390 -33.63 3.81 -3.61
N GLY A 391 -33.47 5.09 -3.30
CA GLY A 391 -33.03 6.14 -4.23
C GLY A 391 -31.52 6.22 -4.23
N MET A 392 -30.94 6.54 -3.09
CA MET A 392 -29.48 6.46 -2.84
C MET A 392 -29.23 5.64 -1.57
N ILE A 393 -28.13 4.92 -1.57
CA ILE A 393 -27.80 4.02 -0.45
C ILE A 393 -26.29 4.09 -0.30
N PHE A 394 -25.80 4.13 0.93
CA PHE A 394 -24.36 3.95 1.22
C PHE A 394 -23.93 2.56 0.79
N HIS A 395 -22.72 2.46 0.30
CA HIS A 395 -22.18 1.19 -0.23
C HIS A 395 -20.67 1.30 -0.13
N ARG A 396 -19.99 0.22 -0.41
CA ARG A 396 -18.52 0.21 -0.35
C ARG A 396 -18.02 -0.93 -1.20
N THR A 397 -16.79 -0.80 -1.69
CA THR A 397 -16.09 -1.90 -2.41
C THR A 397 -15.48 -2.79 -1.33
N TRP A 398 -14.73 -3.82 -1.70
CA TRP A 398 -14.42 -4.94 -0.77
C TRP A 398 -12.92 -5.00 -0.43
N GLY A 399 -12.11 -4.15 -1.06
CA GLY A 399 -10.64 -4.19 -0.93
C GLY A 399 -10.00 -5.34 -1.66
N ALA A 400 -8.69 -5.49 -1.47
CA ALA A 400 -7.93 -6.62 -2.06
C ALA A 400 -8.29 -7.89 -1.31
N PRO A 401 -8.37 -9.05 -2.01
CA PRO A 401 -8.19 -9.13 -3.45
C PRO A 401 -9.49 -9.16 -4.28
N TYR A 402 -10.58 -8.66 -3.73
CA TYR A 402 -11.89 -8.58 -4.42
C TYR A 402 -11.92 -7.48 -5.49
N ASP A 403 -11.26 -6.36 -5.25
CA ASP A 403 -11.42 -5.18 -6.13
C ASP A 403 -10.38 -5.30 -7.24
N PRO A 404 -10.75 -5.21 -8.53
CA PRO A 404 -12.12 -5.08 -8.99
C PRO A 404 -12.92 -6.34 -9.40
N HIS A 405 -12.27 -7.48 -9.60
CA HIS A 405 -12.84 -8.63 -10.36
C HIS A 405 -14.07 -9.19 -9.64
N ALA A 406 -13.98 -9.45 -8.34
CA ALA A 406 -15.08 -10.07 -7.58
C ALA A 406 -16.20 -9.04 -7.32
N PHE A 407 -15.87 -7.79 -7.09
CA PHE A 407 -16.87 -6.70 -6.93
C PHE A 407 -17.61 -6.58 -8.27
N LEU A 408 -16.90 -6.60 -9.39
CA LEU A 408 -17.59 -6.52 -10.71
C LEU A 408 -18.43 -7.78 -10.88
N SER A 409 -17.83 -8.94 -10.71
CA SER A 409 -18.54 -10.24 -10.80
C SER A 409 -19.92 -10.14 -10.12
N SER A 410 -19.95 -9.62 -8.88
CA SER A 410 -21.14 -9.56 -8.02
C SER A 410 -22.18 -8.61 -8.62
N MET A 411 -21.81 -7.72 -9.55
CA MET A 411 -22.78 -6.76 -10.12
C MET A 411 -23.83 -7.50 -10.96
N ARG A 412 -23.57 -8.76 -11.31
CA ARG A 412 -24.49 -9.58 -12.14
C ARG A 412 -25.56 -10.26 -11.30
N VAL A 413 -25.40 -10.26 -9.97
CA VAL A 413 -26.26 -11.03 -9.02
C VAL A 413 -27.41 -10.13 -8.64
N PRO A 414 -28.68 -10.48 -8.96
CA PRO A 414 -29.75 -9.51 -8.82
C PRO A 414 -30.06 -9.13 -7.36
N SER A 415 -29.68 -9.97 -6.42
CA SER A 415 -29.95 -9.77 -4.97
C SER A 415 -28.86 -8.89 -4.32
N HIS A 416 -28.09 -8.13 -5.09
CA HIS A 416 -26.99 -7.26 -4.61
C HIS A 416 -27.30 -5.83 -5.01
N ALA A 417 -26.84 -4.86 -4.22
CA ALA A 417 -27.12 -3.42 -4.37
C ALA A 417 -26.72 -2.95 -5.77
N ASP A 418 -25.58 -3.41 -6.27
CA ASP A 418 -24.99 -2.92 -7.54
C ASP A 418 -25.86 -3.31 -8.72
N PHE A 419 -26.34 -4.56 -8.79
CA PHE A 419 -27.29 -4.96 -9.87
C PHE A 419 -28.51 -4.03 -9.80
N GLN A 420 -29.05 -3.83 -8.58
CA GLN A 420 -30.33 -3.12 -8.39
C GLN A 420 -30.12 -1.67 -8.79
N ALA A 421 -28.97 -1.07 -8.41
CA ALA A 421 -28.61 0.31 -8.78
C ALA A 421 -28.49 0.46 -10.31
N GLN A 422 -27.92 -0.55 -10.97
CA GLN A 422 -27.61 -0.53 -12.42
C GLN A 422 -28.81 -0.98 -13.28
N GLN A 423 -29.90 -1.43 -12.67
CA GLN A 423 -30.97 -2.16 -13.40
C GLN A 423 -31.60 -1.26 -14.48
N GLY A 424 -31.69 0.06 -14.27
CA GLY A 424 -32.28 1.03 -15.22
C GLY A 424 -31.43 1.33 -16.44
N LEU A 425 -30.16 0.88 -16.51
CA LEU A 425 -29.22 1.22 -17.62
C LEU A 425 -29.55 0.38 -18.86
N ALA A 426 -29.71 1.03 -20.01
CA ALA A 426 -29.89 0.39 -21.32
C ALA A 426 -28.72 -0.56 -21.57
N ASP A 427 -27.53 -0.21 -21.10
CA ASP A 427 -26.29 -1.01 -21.33
C ASP A 427 -26.10 -2.08 -20.27
N LYS A 428 -27.03 -2.28 -19.33
CA LYS A 428 -26.80 -3.28 -18.24
C LYS A 428 -26.58 -4.68 -18.81
N PRO A 429 -27.40 -5.18 -19.78
CA PRO A 429 -27.11 -6.50 -20.35
C PRO A 429 -25.68 -6.62 -20.93
N LEU A 430 -25.23 -5.61 -21.67
CA LEU A 430 -23.87 -5.53 -22.24
C LEU A 430 -22.84 -5.54 -21.11
N ILE A 431 -23.07 -4.76 -20.05
CA ILE A 431 -22.11 -4.68 -18.91
C ILE A 431 -21.98 -6.07 -18.30
N ASP A 432 -23.10 -6.76 -18.08
CA ASP A 432 -23.11 -8.08 -17.43
C ASP A 432 -22.43 -9.12 -18.33
N LYS A 433 -22.64 -9.01 -19.64
CA LYS A 433 -21.97 -9.85 -20.64
C LYS A 433 -20.46 -9.60 -20.57
N GLU A 434 -20.04 -8.33 -20.56
CA GLU A 434 -18.61 -7.96 -20.52
C GLU A 434 -17.93 -8.41 -19.20
N ILE A 435 -18.61 -8.29 -18.08
CA ILE A 435 -18.12 -8.84 -16.78
C ILE A 435 -17.89 -10.36 -16.88
N GLY A 436 -18.86 -11.11 -17.42
CA GLY A 436 -18.66 -12.54 -17.67
C GLY A 436 -17.41 -12.76 -18.50
N GLU A 437 -17.20 -11.95 -19.56
CA GLU A 437 -16.13 -12.18 -20.56
C GLU A 437 -14.79 -11.86 -19.93
N VAL A 438 -14.74 -10.80 -19.16
CA VAL A 438 -13.44 -10.32 -18.59
C VAL A 438 -12.88 -11.38 -17.61
N LEU A 439 -13.76 -12.07 -16.90
CA LEU A 439 -13.36 -13.08 -15.89
C LEU A 439 -12.80 -14.36 -16.55
N ALA A 440 -13.22 -14.65 -17.76
CA ALA A 440 -12.95 -15.93 -18.49
C ALA A 440 -11.83 -15.75 -19.52
N THR A 441 -11.59 -14.53 -19.99
CA THR A 441 -10.68 -14.30 -21.12
C THR A 441 -9.24 -14.59 -20.67
N HIS A 442 -8.59 -15.45 -21.45
CA HIS A 442 -7.14 -15.68 -21.57
C HIS A 442 -6.41 -14.43 -22.10
N ASP A 443 -6.99 -13.72 -23.08
CA ASP A 443 -6.38 -12.58 -23.83
C ASP A 443 -6.27 -11.33 -22.93
N GLU A 444 -5.07 -11.05 -22.45
CA GLU A 444 -4.77 -9.95 -21.50
C GLU A 444 -5.10 -8.57 -22.10
N THR A 445 -4.86 -8.37 -23.40
CA THR A 445 -5.26 -7.11 -24.08
C THR A 445 -6.78 -6.93 -24.01
N GLN A 446 -7.54 -7.98 -24.29
CA GLN A 446 -9.02 -7.94 -24.23
C GLN A 446 -9.48 -7.78 -22.76
N ARG A 447 -8.79 -8.38 -21.78
CA ARG A 447 -9.20 -8.25 -20.36
C ARG A 447 -9.16 -6.76 -19.99
N GLN A 448 -8.08 -6.07 -20.31
CA GLN A 448 -7.89 -4.62 -20.00
C GLN A 448 -8.95 -3.78 -20.72
N ALA A 449 -9.23 -4.08 -21.99
CA ALA A 449 -10.22 -3.29 -22.78
C ALA A 449 -11.59 -3.47 -22.15
N LEU A 450 -11.90 -4.66 -21.66
CA LEU A 450 -13.24 -4.99 -21.10
C LEU A 450 -13.38 -4.28 -19.77
N TYR A 451 -12.36 -4.37 -18.91
CA TYR A 451 -12.36 -3.60 -17.63
C TYR A 451 -12.52 -2.12 -17.95
N ARG A 452 -11.77 -1.62 -18.93
CA ARG A 452 -11.91 -0.20 -19.32
C ARG A 452 -13.38 0.06 -19.68
N ASP A 453 -13.97 -0.77 -20.52
CA ASP A 453 -15.35 -0.49 -21.01
C ASP A 453 -16.34 -0.50 -19.83
N ILE A 454 -16.24 -1.51 -18.96
CA ILE A 454 -17.19 -1.70 -17.84
C ILE A 454 -17.08 -0.45 -16.95
N LEU A 455 -15.86 -0.14 -16.53
CA LEU A 455 -15.66 0.90 -15.51
C LEU A 455 -15.93 2.27 -16.10
N THR A 456 -15.63 2.48 -17.38
CA THR A 456 -15.94 3.76 -18.06
C THR A 456 -17.46 3.93 -18.15
N ARG A 457 -18.19 2.91 -18.59
CA ARG A 457 -19.67 3.01 -18.67
C ARG A 457 -20.22 3.33 -17.26
N LEU A 458 -19.77 2.59 -16.25
CA LEU A 458 -20.29 2.82 -14.87
C LEU A 458 -19.97 4.26 -14.44
N HIS A 459 -18.78 4.75 -14.78
CA HIS A 459 -18.38 6.14 -14.47
C HIS A 459 -19.22 7.15 -15.24
N ASP A 460 -19.31 7.01 -16.56
CA ASP A 460 -20.04 7.97 -17.43
C ASP A 460 -21.52 7.94 -17.11
N GLU A 461 -22.09 6.79 -16.69
CA GLU A 461 -23.52 6.65 -16.34
C GLU A 461 -23.79 7.20 -14.94
N ALA A 462 -22.76 7.62 -14.21
CA ALA A 462 -22.88 8.20 -12.85
C ALA A 462 -23.76 7.30 -11.97
N VAL A 463 -23.52 6.00 -12.00
CA VAL A 463 -24.26 5.01 -11.14
C VAL A 463 -23.88 5.24 -9.68
N TYR A 464 -22.64 5.65 -9.43
CA TYR A 464 -22.09 5.82 -8.08
C TYR A 464 -21.85 7.30 -7.85
N LEU A 465 -21.83 7.69 -6.57
CA LEU A 465 -21.27 8.96 -6.07
C LEU A 465 -20.15 8.56 -5.13
N PRO A 466 -18.92 8.38 -5.68
CA PRO A 466 -17.78 8.05 -4.87
C PRO A 466 -17.60 9.14 -3.79
N ILE A 467 -17.33 8.74 -2.55
CA ILE A 467 -17.07 9.71 -1.43
C ILE A 467 -15.60 9.66 -0.99
N SER A 468 -15.13 8.48 -0.58
CA SER A 468 -13.86 8.34 0.15
C SER A 468 -13.19 7.00 -0.17
N TYR A 469 -11.87 7.02 -0.24
CA TYR A 469 -10.98 5.83 -0.10
C TYR A 469 -10.62 5.83 1.37
N ILE A 470 -11.13 4.81 2.08
CA ILE A 470 -10.98 4.73 3.55
C ILE A 470 -9.81 3.85 3.89
N SER A 471 -9.27 4.02 5.10
CA SER A 471 -8.06 3.33 5.58
C SER A 471 -8.42 2.40 6.74
N MET A 472 -7.57 1.42 6.98
CA MET A 472 -7.55 0.68 8.25
C MET A 472 -6.91 1.58 9.30
N MET A 473 -7.35 1.44 10.53
CA MET A 473 -6.82 2.23 11.65
C MET A 473 -6.49 1.28 12.79
N VAL A 474 -5.53 1.69 13.60
CA VAL A 474 -5.06 0.89 14.76
C VAL A 474 -4.96 1.84 15.95
N VAL A 475 -5.36 1.37 17.11
CA VAL A 475 -5.05 2.02 18.40
C VAL A 475 -4.50 0.92 19.27
N SER A 476 -3.32 1.10 19.87
CA SER A 476 -2.69 0.03 20.67
C SER A 476 -1.87 0.58 21.83
N LYS A 477 -1.75 -0.25 22.86
CA LYS A 477 -0.74 -0.09 23.93
C LYS A 477 0.63 -0.13 23.26
N PRO A 478 1.52 0.84 23.53
CA PRO A 478 2.83 0.88 22.88
C PRO A 478 3.62 -0.42 22.98
N GLU A 479 3.48 -1.16 24.10
CA GLU A 479 4.24 -2.42 24.32
C GLU A 479 3.93 -3.46 23.22
N LEU A 480 2.83 -3.34 22.44
CA LEU A 480 2.53 -4.33 21.38
C LEU A 480 3.37 -4.12 20.13
N GLY A 481 3.98 -2.93 20.00
CA GLY A 481 4.84 -2.56 18.86
C GLY A 481 4.05 -2.14 17.63
N ASN A 482 4.72 -2.22 16.50
CA ASN A 482 4.15 -1.86 15.18
C ASN A 482 3.15 -2.96 14.84
N ILE A 483 1.91 -2.62 14.52
CA ILE A 483 0.85 -3.62 14.18
C ILE A 483 0.77 -3.78 12.67
N PRO A 484 1.12 -4.97 12.10
CA PRO A 484 1.08 -5.13 10.65
C PRO A 484 -0.33 -5.11 10.07
N TYR A 485 -0.45 -4.77 8.79
CA TYR A 485 -1.70 -4.95 8.01
C TYR A 485 -1.63 -6.22 7.15
N ALA A 486 -2.77 -6.86 6.92
CA ALA A 486 -2.82 -8.08 6.10
C ALA A 486 -3.04 -7.63 4.65
N PRO A 487 -2.47 -8.35 3.68
CA PRO A 487 -2.80 -8.14 2.28
C PRO A 487 -4.30 -8.19 1.98
N ILE A 488 -5.01 -9.14 2.58
CA ILE A 488 -6.48 -9.22 2.41
C ILE A 488 -7.14 -8.22 3.37
N ALA A 489 -7.90 -7.27 2.83
CA ALA A 489 -8.50 -6.14 3.59
C ALA A 489 -9.32 -6.67 4.78
N THR A 490 -9.99 -7.80 4.63
CA THR A 490 -10.91 -8.36 5.67
C THR A 490 -10.14 -9.19 6.71
N GLU A 491 -8.84 -9.40 6.57
CA GLU A 491 -8.10 -10.19 7.58
C GLU A 491 -7.40 -9.25 8.56
N ILE A 492 -7.03 -9.80 9.71
CA ILE A 492 -6.22 -9.13 10.76
C ILE A 492 -5.07 -10.06 11.09
N PRO A 493 -3.82 -9.62 10.87
CA PRO A 493 -2.68 -10.53 10.89
C PRO A 493 -2.13 -10.66 12.33
N PHE A 494 -2.95 -11.19 13.25
CA PHE A 494 -2.61 -11.36 14.68
C PHE A 494 -1.32 -12.17 14.85
N GLU A 495 -1.09 -13.16 13.99
CA GLU A 495 0.11 -14.03 14.08
C GLU A 495 1.40 -13.28 13.71
N GLN A 496 1.31 -12.05 13.18
CA GLN A 496 2.48 -11.21 12.78
C GLN A 496 2.77 -10.20 13.88
N ILE A 497 1.93 -10.11 14.92
CA ILE A 497 2.16 -9.13 16.01
C ILE A 497 3.29 -9.70 16.87
N LYS A 498 4.33 -8.90 17.12
CA LYS A 498 5.60 -9.35 17.74
C LYS A 498 6.01 -8.27 18.73
N PRO A 499 5.42 -8.24 19.95
CA PRO A 499 5.86 -7.29 20.97
C PRO A 499 7.40 -7.33 21.07
N VAL A 500 8.05 -6.17 20.93
N PRO B 3 8.79 -12.99 -27.38
CA PRO B 3 7.57 -13.55 -26.75
C PRO B 3 7.69 -13.68 -25.22
N ASP B 4 8.72 -14.38 -24.74
CA ASP B 4 9.15 -14.49 -23.32
C ASP B 4 10.38 -13.60 -23.11
N GLU B 5 10.52 -12.58 -23.96
CA GLU B 5 11.63 -11.61 -23.95
C GLU B 5 10.98 -10.23 -23.84
N ILE B 6 11.45 -9.37 -22.94
CA ILE B 6 10.95 -7.97 -22.86
C ILE B 6 12.14 -7.04 -22.98
N THR B 7 11.83 -5.83 -23.38
CA THR B 7 12.75 -4.69 -23.45
C THR B 7 12.17 -3.58 -22.57
N THR B 8 13.01 -2.97 -21.72
CA THR B 8 12.58 -1.86 -20.83
C THR B 8 13.61 -0.74 -20.97
N ALA B 9 13.48 0.30 -20.16
CA ALA B 9 14.45 1.40 -20.19
C ALA B 9 14.85 1.69 -18.74
N TRP B 10 16.07 2.19 -18.59
CA TRP B 10 16.55 2.86 -17.36
C TRP B 10 17.37 4.09 -17.79
N PRO B 11 17.49 5.15 -16.94
CA PRO B 11 18.24 6.36 -17.34
C PRO B 11 19.76 6.18 -17.46
N VAL B 12 20.31 5.13 -16.86
CA VAL B 12 21.78 4.86 -16.80
C VAL B 12 21.92 3.36 -16.95
N ASN B 13 23.11 2.86 -17.27
CA ASN B 13 23.49 1.43 -17.13
C ASN B 13 23.27 0.97 -15.69
N VAL B 14 23.05 -0.33 -15.50
CA VAL B 14 22.86 -0.96 -14.17
C VAL B 14 24.19 -0.87 -13.38
N GLY B 15 25.32 -0.58 -14.03
CA GLY B 15 26.65 -0.56 -13.37
C GLY B 15 27.32 -1.93 -13.41
N PRO B 16 28.51 -2.10 -12.79
CA PRO B 16 29.15 -3.43 -12.72
C PRO B 16 28.44 -4.50 -11.87
N LEU B 17 27.44 -4.09 -11.07
CA LEU B 17 26.74 -4.98 -10.11
C LEU B 17 27.73 -5.60 -9.12
N ASN B 18 28.58 -4.76 -8.56
CA ASN B 18 29.23 -5.03 -7.26
C ASN B 18 28.12 -5.03 -6.21
N PRO B 19 27.90 -6.16 -5.50
CA PRO B 19 26.82 -6.25 -4.50
C PRO B 19 27.09 -5.38 -3.28
N HIS B 20 28.33 -4.94 -3.07
CA HIS B 20 28.76 -4.33 -1.79
C HIS B 20 29.03 -2.84 -1.94
N LEU B 21 28.83 -2.27 -3.12
CA LEU B 21 29.11 -0.84 -3.38
C LEU B 21 27.83 -0.14 -3.83
N TYR B 22 27.91 1.16 -4.01
CA TYR B 22 26.75 2.05 -4.23
C TYR B 22 26.84 2.54 -5.67
N THR B 23 26.72 3.84 -5.90
CA THR B 23 26.81 4.39 -7.29
CA THR B 23 26.80 4.38 -7.29
C THR B 23 28.12 3.92 -7.90
N PRO B 24 28.16 3.56 -9.20
CA PRO B 24 27.01 3.66 -10.12
C PRO B 24 26.09 2.43 -10.20
N ASN B 25 26.20 1.51 -9.25
CA ASN B 25 25.36 0.29 -9.21
C ASN B 25 23.91 0.65 -8.96
N GLN B 26 22.98 0.08 -9.73
CA GLN B 26 21.53 0.36 -9.56
C GLN B 26 20.96 -0.73 -8.67
N MET B 27 20.35 -0.33 -7.55
CA MET B 27 19.83 -1.28 -6.52
C MET B 27 18.88 -2.27 -7.16
N PHE B 28 18.03 -1.88 -8.12
CA PHE B 28 17.02 -2.84 -8.62
C PHE B 28 17.77 -4.01 -9.29
N ALA B 29 18.91 -3.71 -9.92
CA ALA B 29 19.72 -4.66 -10.73
C ALA B 29 20.58 -5.51 -9.79
N GLN B 30 21.13 -4.94 -8.71
CA GLN B 30 21.77 -5.74 -7.65
C GLN B 30 20.76 -6.76 -7.13
N SER B 31 19.51 -6.35 -6.89
CA SER B 31 18.47 -7.24 -6.30
C SER B 31 18.04 -8.33 -7.30
N MET B 32 18.23 -8.12 -8.61
CA MET B 32 17.92 -9.12 -9.66
C MET B 32 18.93 -10.28 -9.62
N VAL B 33 20.18 -9.98 -9.30
CA VAL B 33 21.35 -10.93 -9.37
C VAL B 33 21.65 -11.50 -8.00
N TYR B 34 21.55 -10.67 -6.97
CA TYR B 34 22.00 -11.00 -5.60
C TYR B 34 20.79 -11.09 -4.67
N GLU B 35 20.91 -11.96 -3.67
CA GLU B 35 19.79 -12.36 -2.79
C GLU B 35 20.20 -12.23 -1.34
N PRO B 36 19.25 -11.90 -0.44
CA PRO B 36 19.54 -11.79 1.00
C PRO B 36 19.27 -13.08 1.79
N LEU B 37 19.67 -13.12 3.05
CA LEU B 37 19.37 -14.24 3.98
C LEU B 37 17.86 -14.32 4.21
N VAL B 38 17.18 -13.17 4.27
CA VAL B 38 15.71 -13.07 4.54
C VAL B 38 15.11 -12.04 3.59
N LYS B 39 13.86 -12.22 3.20
CA LYS B 39 13.26 -11.41 2.12
C LYS B 39 12.17 -10.50 2.72
N TYR B 40 12.16 -9.24 2.30
CA TYR B 40 11.24 -8.21 2.85
C TYR B 40 9.84 -8.47 2.32
N GLN B 41 8.84 -8.33 3.18
CA GLN B 41 7.39 -8.46 2.84
C GLN B 41 6.72 -7.10 3.06
N ALA B 42 5.65 -6.84 2.28
CA ALA B 42 4.90 -5.56 2.29
C ALA B 42 4.43 -5.23 3.71
N ASP B 43 4.18 -6.23 4.57
CA ASP B 43 3.64 -5.99 5.93
C ASP B 43 4.75 -5.61 6.91
N GLY B 44 6.02 -5.59 6.50
CA GLY B 44 7.13 -5.14 7.36
C GLY B 44 7.92 -6.29 7.95
N SER B 45 7.43 -7.51 7.83
CA SER B 45 8.08 -8.74 8.33
C SER B 45 9.15 -9.15 7.31
N VAL B 46 9.93 -10.17 7.64
CA VAL B 46 10.73 -10.94 6.64
C VAL B 46 10.27 -12.40 6.63
N ILE B 47 10.52 -13.07 5.50
CA ILE B 47 10.34 -14.55 5.34
C ILE B 47 11.72 -15.15 5.17
N PRO B 48 11.89 -16.44 5.52
CA PRO B 48 13.10 -17.18 5.18
C PRO B 48 13.43 -17.00 3.70
N TRP B 49 14.71 -16.83 3.36
CA TRP B 49 15.15 -16.81 1.94
C TRP B 49 16.38 -17.72 1.78
N LEU B 50 17.58 -17.19 1.55
CA LEU B 50 18.80 -18.03 1.46
C LEU B 50 19.02 -18.72 2.81
N ALA B 51 18.62 -18.07 3.91
CA ALA B 51 18.49 -18.68 5.26
C ALA B 51 17.08 -19.28 5.42
N LYS B 52 16.97 -20.61 5.48
CA LYS B 52 15.67 -21.33 5.62
C LYS B 52 15.13 -21.16 7.05
N SER B 53 15.99 -20.92 8.03
CA SER B 53 15.59 -20.81 9.45
C SER B 53 16.68 -20.15 10.30
N TRP B 54 16.33 -19.71 11.51
CA TRP B 54 17.29 -19.08 12.44
C TRP B 54 16.77 -19.22 13.88
N THR B 55 17.70 -19.18 14.83
CA THR B 55 17.50 -19.07 16.30
C THR B 55 18.38 -17.91 16.78
N HIS B 56 18.06 -17.36 17.96
CA HIS B 56 18.80 -16.23 18.57
C HIS B 56 18.96 -16.50 20.07
N SER B 57 20.05 -16.01 20.65
CA SER B 57 20.29 -16.01 22.11
C SER B 57 19.12 -15.29 22.81
N GLU B 58 18.94 -15.52 24.12
CA GLU B 58 17.89 -14.86 24.94
C GLU B 58 18.09 -13.34 24.84
N ASP B 59 19.36 -12.88 24.90
CA ASP B 59 19.76 -11.45 24.88
C ASP B 59 19.57 -10.82 23.48
N GLY B 60 19.28 -11.63 22.46
CA GLY B 60 19.04 -11.19 21.06
C GLY B 60 20.33 -10.74 20.36
N LYS B 61 21.50 -11.03 20.91
CA LYS B 61 22.81 -10.50 20.42
C LYS B 61 23.46 -11.51 19.47
N THR B 62 23.14 -12.80 19.58
CA THR B 62 23.77 -13.87 18.78
C THR B 62 22.69 -14.57 17.97
N TRP B 63 22.87 -14.58 16.65
CA TRP B 63 21.91 -15.21 15.70
C TRP B 63 22.64 -16.32 14.94
N THR B 64 21.99 -17.47 14.85
CA THR B 64 22.48 -18.63 14.08
C THR B 64 21.46 -18.89 12.98
N PHE B 65 21.81 -18.53 11.74
CA PHE B 65 21.05 -18.82 10.51
C PHE B 65 21.41 -20.21 10.00
N THR B 66 20.42 -21.07 9.80
CA THR B 66 20.58 -22.33 9.03
C THR B 66 20.22 -21.98 7.60
N LEU B 67 21.19 -22.09 6.70
CA LEU B 67 21.10 -21.73 5.27
C LEU B 67 20.46 -22.88 4.49
N ARG B 68 19.81 -22.56 3.37
CA ARG B 68 19.39 -23.54 2.36
C ARG B 68 20.63 -24.30 1.92
N ASP B 69 20.50 -25.60 1.63
CA ASP B 69 21.63 -26.47 1.22
C ASP B 69 21.56 -26.74 -0.27
N ASP B 70 20.59 -26.13 -0.97
CA ASP B 70 20.23 -26.47 -2.37
C ASP B 70 20.49 -25.28 -3.31
N VAL B 71 21.22 -24.27 -2.83
CA VAL B 71 21.39 -22.98 -3.56
C VAL B 71 22.74 -22.97 -4.26
N LYS B 72 22.74 -22.71 -5.56
CA LYS B 72 23.97 -22.50 -6.37
C LYS B 72 24.03 -21.06 -6.87
N PHE B 73 25.22 -20.49 -6.80
CA PHE B 73 25.60 -19.32 -7.63
C PHE B 73 25.28 -19.68 -9.08
N SER B 74 25.13 -18.68 -9.94
CA SER B 74 24.65 -18.87 -11.35
C SER B 74 25.67 -19.71 -12.13
N ASN B 75 26.90 -19.79 -11.64
CA ASN B 75 28.02 -20.50 -12.30
C ASN B 75 28.13 -21.94 -11.77
N GLY B 76 27.22 -22.39 -10.90
CA GLY B 76 27.21 -23.75 -10.31
C GLY B 76 27.90 -23.84 -8.96
N GLU B 77 28.69 -22.83 -8.56
CA GLU B 77 29.44 -22.90 -7.29
C GLU B 77 28.42 -22.87 -6.14
N PRO B 78 28.67 -23.63 -5.06
CA PRO B 78 27.71 -23.71 -3.96
C PRO B 78 27.68 -22.42 -3.11
N PHE B 79 26.47 -22.04 -2.73
CA PHE B 79 26.22 -21.05 -1.66
C PHE B 79 26.17 -21.83 -0.34
N ASP B 80 27.08 -21.54 0.58
CA ASP B 80 27.16 -22.21 1.90
C ASP B 80 27.59 -21.17 2.92
N ALA B 81 27.69 -21.54 4.19
CA ALA B 81 27.96 -20.58 5.28
C ALA B 81 29.31 -19.92 5.01
N GLU B 82 30.26 -20.63 4.38
CA GLU B 82 31.62 -20.09 4.15
C GLU B 82 31.50 -18.90 3.19
N ALA B 83 30.77 -19.09 2.08
CA ALA B 83 30.52 -18.04 1.06
C ALA B 83 29.86 -16.83 1.73
N ALA B 84 28.81 -17.08 2.52
CA ALA B 84 28.10 -16.02 3.27
C ALA B 84 29.09 -15.26 4.17
N ALA B 85 29.86 -15.94 5.01
CA ALA B 85 30.79 -15.27 5.96
C ALA B 85 31.86 -14.46 5.21
N GLU B 86 32.33 -14.96 4.06
CA GLU B 86 33.32 -14.25 3.19
C GLU B 86 32.73 -12.91 2.72
N ASN B 87 31.46 -12.94 2.32
CA ASN B 87 30.70 -11.75 1.86
C ASN B 87 30.59 -10.75 3.00
N PHE B 88 30.15 -11.18 4.17
CA PHE B 88 30.06 -10.27 5.33
C PHE B 88 31.43 -9.69 5.63
N ARG B 89 32.48 -10.51 5.50
CA ARG B 89 33.86 -10.05 5.77
C ARG B 89 34.19 -8.97 4.73
N ALA B 90 33.97 -9.24 3.46
CA ALA B 90 34.25 -8.28 2.36
C ALA B 90 33.50 -6.97 2.60
N VAL B 91 32.22 -7.03 2.96
CA VAL B 91 31.39 -5.81 3.26
C VAL B 91 32.03 -5.05 4.43
N LEU B 92 32.31 -5.73 5.54
CA LEU B 92 32.71 -5.05 6.80
C LEU B 92 34.20 -4.63 6.78
N ASP B 93 35.03 -5.16 5.89
CA ASP B 93 36.37 -4.58 5.56
C ASP B 93 36.22 -3.13 5.05
N ASN B 94 35.02 -2.72 4.65
CA ASN B 94 34.72 -1.38 4.08
C ASN B 94 33.63 -0.74 4.95
N ARG B 95 33.62 -1.06 6.25
CA ARG B 95 32.56 -0.67 7.22
C ARG B 95 32.21 0.82 7.11
N GLN B 96 33.21 1.71 7.01
CA GLN B 96 33.03 3.19 7.08
C GLN B 96 32.07 3.65 5.96
N ARG B 97 32.09 2.96 4.81
CA ARG B 97 31.24 3.27 3.64
C ARG B 97 29.76 2.92 3.95
N HIS B 98 29.51 2.04 4.92
CA HIS B 98 28.16 1.51 5.29
C HIS B 98 27.63 2.18 6.57
N ALA B 99 28.21 3.29 7.01
CA ALA B 99 27.97 3.86 8.37
C ALA B 99 26.55 4.39 8.50
N TRP B 100 25.95 4.86 7.41
CA TRP B 100 24.51 5.25 7.35
C TRP B 100 23.63 4.08 7.82
N LEU B 101 24.05 2.84 7.57
CA LEU B 101 23.28 1.62 7.90
C LEU B 101 23.69 1.07 9.27
N GLU B 102 22.82 1.18 10.27
CA GLU B 102 23.25 0.93 11.67
C GLU B 102 23.72 -0.54 11.80
N LEU B 103 23.15 -1.47 11.04
CA LEU B 103 23.54 -2.91 11.10
C LEU B 103 25.05 -3.05 10.84
N ALA B 104 25.60 -2.24 9.95
CA ALA B 104 27.05 -2.28 9.60
C ALA B 104 27.87 -1.92 10.85
N ASN B 105 27.35 -1.04 11.70
CA ASN B 105 28.06 -0.58 12.92
C ASN B 105 27.86 -1.63 14.02
N GLN B 106 26.80 -2.46 13.91
CA GLN B 106 26.31 -3.39 14.96
C GLN B 106 26.95 -4.79 14.83
N ILE B 107 27.30 -5.23 13.63
CA ILE B 107 27.89 -6.59 13.44
C ILE B 107 29.31 -6.57 14.01
N VAL B 108 29.55 -7.37 15.03
CA VAL B 108 30.93 -7.45 15.63
C VAL B 108 31.60 -8.72 15.13
N ASP B 109 30.85 -9.77 14.82
CA ASP B 109 31.46 -11.02 14.30
C ASP B 109 30.48 -11.77 13.40
N VAL B 110 31.03 -12.43 12.39
CA VAL B 110 30.30 -13.41 11.52
C VAL B 110 31.24 -14.58 11.25
N LYS B 111 30.78 -15.81 11.46
CA LYS B 111 31.64 -17.00 11.36
C LYS B 111 30.77 -18.16 10.92
N ALA B 112 31.26 -18.96 9.97
CA ALA B 112 30.61 -20.21 9.52
C ALA B 112 30.84 -21.29 10.59
N LEU B 113 29.78 -21.80 11.22
CA LEU B 113 29.88 -22.85 12.26
C LEU B 113 30.02 -24.20 11.58
N SER B 114 29.41 -24.34 10.40
CA SER B 114 29.32 -25.58 9.59
C SER B 114 29.15 -25.16 8.12
N LYS B 115 28.78 -26.07 7.22
CA LYS B 115 28.50 -25.73 5.81
C LYS B 115 27.18 -24.93 5.73
N THR B 116 26.25 -25.13 6.67
CA THR B 116 24.88 -24.54 6.60
C THR B 116 24.54 -23.66 7.81
N GLU B 117 25.43 -23.50 8.80
CA GLU B 117 25.17 -22.67 10.00
C GLU B 117 26.07 -21.45 9.97
N LEU B 118 25.47 -20.26 10.04
CA LEU B 118 26.18 -18.98 9.95
C LEU B 118 25.80 -18.22 11.21
N GLN B 119 26.80 -17.89 12.03
CA GLN B 119 26.55 -17.21 13.31
C GLN B 119 26.91 -15.73 13.14
N ILE B 120 25.98 -14.85 13.52
CA ILE B 120 26.15 -13.37 13.53
C ILE B 120 25.93 -12.89 14.96
N THR B 121 26.91 -12.18 15.50
CA THR B 121 26.90 -11.54 16.83
C THR B 121 26.86 -10.02 16.66
N LEU B 122 25.88 -9.38 17.31
CA LEU B 122 25.60 -7.91 17.30
C LEU B 122 25.94 -7.32 18.66
N LYS B 123 26.23 -6.02 18.72
CA LYS B 123 26.50 -5.29 19.99
C LYS B 123 25.21 -5.17 20.80
N SER B 124 24.06 -5.02 20.15
CA SER B 124 22.76 -4.74 20.80
C SER B 124 21.66 -5.57 20.15
N ALA B 125 20.52 -5.75 20.81
CA ALA B 125 19.34 -6.49 20.31
C ALA B 125 18.60 -5.61 19.28
N TYR B 126 19.24 -5.44 18.12
CA TYR B 126 18.94 -4.43 17.06
C TYR B 126 17.64 -4.81 16.36
N TYR B 127 16.56 -4.07 16.64
CA TYR B 127 15.19 -4.41 16.22
C TYR B 127 15.13 -4.55 14.70
N PRO B 128 15.81 -3.71 13.87
CA PRO B 128 15.70 -3.82 12.42
C PRO B 128 16.73 -4.76 11.76
N PHE B 129 17.40 -5.59 12.56
CA PHE B 129 18.42 -6.58 12.11
C PHE B 129 17.97 -7.24 10.81
N LEU B 130 16.85 -7.94 10.86
CA LEU B 130 16.38 -8.81 9.75
C LEU B 130 15.99 -7.94 8.54
N GLN B 131 15.34 -6.80 8.76
CA GLN B 131 14.93 -5.88 7.66
C GLN B 131 16.18 -5.33 6.94
N GLU B 132 17.26 -5.06 7.67
CA GLU B 132 18.51 -4.52 7.06
C GLU B 132 19.29 -5.63 6.34
N LEU B 133 19.13 -6.89 6.77
CA LEU B 133 19.65 -8.05 6.00
C LEU B 133 18.87 -8.18 4.69
N ALA B 134 17.60 -7.75 4.65
CA ALA B 134 16.73 -7.96 3.46
C ALA B 134 17.03 -6.91 2.38
N LEU B 135 17.80 -5.87 2.68
CA LEU B 135 17.95 -4.72 1.77
C LEU B 135 18.69 -5.17 0.52
N PRO B 136 18.44 -4.47 -0.60
CA PRO B 136 19.19 -4.69 -1.82
C PRO B 136 20.72 -4.72 -1.62
N ARG B 137 21.23 -3.87 -0.74
CA ARG B 137 22.68 -3.76 -0.48
C ARG B 137 22.86 -3.19 0.92
N PRO B 138 23.98 -3.53 1.62
CA PRO B 138 25.06 -4.32 1.03
C PRO B 138 25.21 -5.82 1.41
N PHE B 139 24.27 -6.42 2.15
CA PHE B 139 24.44 -7.79 2.71
C PHE B 139 23.83 -8.85 1.80
N ARG B 140 24.19 -8.80 0.52
CA ARG B 140 23.83 -9.86 -0.45
C ARG B 140 25.11 -10.51 -1.01
N PHE B 141 24.94 -11.68 -1.64
CA PHE B 141 26.04 -12.67 -1.77
C PHE B 141 26.49 -12.86 -3.23
N ILE B 142 27.73 -12.47 -3.52
CA ILE B 142 28.51 -12.82 -4.76
C ILE B 142 29.36 -14.08 -4.49
N ALA B 143 29.56 -14.92 -5.51
CA ALA B 143 30.54 -16.04 -5.47
C ALA B 143 31.88 -15.50 -4.98
N PRO B 144 32.44 -16.01 -3.86
CA PRO B 144 33.77 -15.60 -3.42
C PRO B 144 34.90 -15.77 -4.47
N SER B 145 34.76 -16.69 -5.42
CA SER B 145 35.68 -16.84 -6.59
C SER B 145 35.76 -15.55 -7.41
N GLN B 146 34.75 -14.67 -7.34
CA GLN B 146 34.67 -13.41 -8.12
C GLN B 146 35.15 -12.22 -7.29
N PHE B 147 35.59 -12.44 -6.05
CA PHE B 147 36.36 -11.42 -5.31
C PHE B 147 37.64 -11.10 -6.09
N LYS B 148 38.22 -9.92 -5.90
CA LYS B 148 39.59 -9.57 -6.34
C LYS B 148 40.46 -9.47 -5.10
N ASN B 149 41.50 -10.31 -4.95
CA ASN B 149 42.47 -10.17 -3.84
C ASN B 149 41.70 -10.29 -2.51
N HIS B 150 40.72 -11.21 -2.46
CA HIS B 150 39.92 -11.61 -1.27
C HIS B 150 39.04 -10.44 -0.77
N GLU B 151 38.71 -9.48 -1.65
CA GLU B 151 37.86 -8.28 -1.34
C GLU B 151 36.84 -8.01 -2.47
N THR B 152 35.82 -7.21 -2.16
CA THR B 152 34.88 -6.66 -3.16
C THR B 152 35.04 -5.15 -3.18
N MET B 153 35.61 -4.54 -2.14
CA MET B 153 35.58 -3.07 -1.99
C MET B 153 36.38 -2.40 -3.12
N ASN B 154 37.27 -3.13 -3.81
CA ASN B 154 38.12 -2.53 -4.88
C ASN B 154 37.63 -3.00 -6.25
N GLY B 155 36.53 -3.77 -6.30
CA GLY B 155 35.98 -4.33 -7.54
C GLY B 155 35.71 -5.80 -7.39
N ILE B 156 35.01 -6.37 -8.37
CA ILE B 156 34.77 -7.84 -8.49
C ILE B 156 35.22 -8.27 -9.89
N LYS B 157 35.16 -9.56 -10.18
CA LYS B 157 35.32 -10.09 -11.56
C LYS B 157 33.91 -10.13 -12.16
N ALA B 158 33.30 -11.30 -12.27
CA ALA B 158 31.96 -11.45 -12.86
C ALA B 158 30.92 -11.27 -11.75
N PRO B 159 29.79 -10.59 -12.04
CA PRO B 159 28.75 -10.38 -11.04
C PRO B 159 27.88 -11.62 -10.81
N ILE B 160 28.46 -12.62 -10.14
CA ILE B 160 27.82 -13.96 -9.97
C ILE B 160 27.06 -14.01 -8.66
N GLY B 161 25.72 -14.04 -8.75
CA GLY B 161 24.83 -14.17 -7.57
C GLY B 161 24.05 -15.45 -7.65
N THR B 162 23.10 -15.63 -6.72
CA THR B 162 22.21 -16.81 -6.62
C THR B 162 20.87 -16.47 -7.28
N GLY B 163 20.72 -15.21 -7.71
CA GLY B 163 19.41 -14.64 -8.06
C GLY B 163 18.84 -15.24 -9.33
N PRO B 164 17.57 -14.88 -9.63
CA PRO B 164 16.85 -15.41 -10.79
C PRO B 164 17.32 -14.83 -12.13
N TRP B 165 18.15 -13.78 -12.12
CA TRP B 165 18.71 -13.17 -13.37
C TRP B 165 20.25 -13.18 -13.38
N ILE B 166 20.80 -13.30 -14.58
CA ILE B 166 22.26 -13.19 -14.88
C ILE B 166 22.46 -11.96 -15.77
N LEU B 167 23.39 -11.07 -15.38
CA LEU B 167 23.84 -10.01 -16.31
C LEU B 167 24.69 -10.68 -17.40
N GLN B 168 24.19 -10.67 -18.63
CA GLN B 168 24.82 -11.36 -19.79
C GLN B 168 25.64 -10.34 -20.59
N GLU B 169 25.13 -9.14 -20.82
CA GLU B 169 25.85 -8.14 -21.66
C GLU B 169 25.57 -6.72 -21.16
N SER B 170 26.60 -5.88 -21.21
CA SER B 170 26.57 -4.45 -20.83
C SER B 170 27.32 -3.64 -21.87
N LYS B 171 26.72 -2.57 -22.38
CA LYS B 171 27.39 -1.62 -23.29
C LYS B 171 27.16 -0.22 -22.74
N LEU B 172 28.24 0.44 -22.34
CA LEU B 172 28.16 1.77 -21.70
C LEU B 172 27.31 2.73 -22.54
N ASN B 173 26.32 3.38 -21.91
CA ASN B 173 25.43 4.41 -22.49
C ASN B 173 24.50 3.78 -23.54
N GLN B 174 24.40 2.44 -23.65
CA GLN B 174 23.54 1.81 -24.70
C GLN B 174 22.53 0.85 -24.06
N TYR B 175 22.96 -0.19 -23.37
CA TYR B 175 22.05 -1.25 -22.87
C TYR B 175 22.74 -2.18 -21.88
N ASP B 176 21.91 -2.92 -21.16
CA ASP B 176 22.27 -4.11 -20.37
C ASP B 176 21.30 -5.22 -20.75
N VAL B 177 21.79 -6.46 -20.82
CA VAL B 177 20.94 -7.66 -21.10
C VAL B 177 21.06 -8.62 -19.93
N PHE B 178 19.90 -9.04 -19.44
CA PHE B 178 19.78 -10.07 -18.39
C PHE B 178 19.10 -11.26 -19.08
N VAL B 179 19.53 -12.45 -18.70
CA VAL B 179 18.87 -13.72 -19.09
C VAL B 179 18.47 -14.40 -17.78
N ARG B 180 17.36 -15.14 -17.81
CA ARG B 180 16.89 -16.01 -16.70
C ARG B 180 18.02 -16.95 -16.28
N ASN B 181 18.18 -17.14 -14.97
CA ASN B 181 19.08 -18.14 -14.37
C ASN B 181 18.36 -19.50 -14.42
N GLU B 182 18.77 -20.38 -15.33
CA GLU B 182 18.10 -21.70 -15.57
C GLU B 182 18.38 -22.63 -14.38
N ASN B 183 19.41 -22.36 -13.57
CA ASN B 183 19.77 -23.15 -12.36
C ASN B 183 19.37 -22.40 -11.09
N TYR B 184 18.30 -21.59 -11.17
CA TYR B 184 17.79 -20.82 -10.00
C TYR B 184 17.20 -21.82 -8.98
N TRP B 185 17.53 -21.65 -7.71
CA TRP B 185 17.03 -22.54 -6.61
C TRP B 185 15.51 -22.39 -6.41
N GLY B 186 14.90 -21.25 -6.81
CA GLY B 186 13.47 -21.01 -6.59
C GLY B 186 12.65 -21.20 -7.85
N GLU B 187 11.49 -20.56 -7.93
CA GLU B 187 10.61 -20.60 -9.12
C GLU B 187 11.31 -19.82 -10.24
N LYS B 188 11.47 -20.44 -11.40
CA LYS B 188 12.04 -19.75 -12.58
C LYS B 188 11.07 -18.66 -12.98
N PRO B 189 11.54 -17.45 -13.31
CA PRO B 189 10.68 -16.42 -13.88
C PRO B 189 10.11 -16.92 -15.21
N ALA B 190 8.94 -16.43 -15.60
CA ALA B 190 8.30 -16.74 -16.89
C ALA B 190 9.09 -16.02 -18.00
N ILE B 191 9.68 -14.86 -17.71
CA ILE B 191 10.46 -14.08 -18.71
C ILE B 191 11.86 -14.70 -18.82
N LYS B 192 12.36 -14.88 -20.03
CA LYS B 192 13.65 -15.55 -20.32
C LYS B 192 14.75 -14.50 -20.47
N LYS B 193 14.42 -13.32 -21.01
CA LYS B 193 15.41 -12.26 -21.28
C LYS B 193 14.80 -10.89 -21.04
N ILE B 194 15.56 -10.01 -20.41
CA ILE B 194 15.19 -8.59 -20.21
C ILE B 194 16.36 -7.74 -20.71
N THR B 195 16.07 -6.86 -21.66
CA THR B 195 17.02 -5.87 -22.21
C THR B 195 16.65 -4.50 -21.65
N PHE B 196 17.63 -3.81 -21.04
CA PHE B 196 17.46 -2.42 -20.54
C PHE B 196 18.10 -1.50 -21.56
N ASN B 197 17.29 -0.71 -22.27
CA ASN B 197 17.81 0.39 -23.12
C ASN B 197 18.13 1.56 -22.19
N VAL B 198 19.35 2.10 -22.28
CA VAL B 198 19.74 3.28 -21.48
C VAL B 198 19.13 4.52 -22.15
N ILE B 199 18.15 5.16 -21.51
CA ILE B 199 17.42 6.32 -22.10
C ILE B 199 17.27 7.36 -21.01
N PRO B 200 18.24 8.31 -20.90
CA PRO B 200 18.21 9.28 -19.80
C PRO B 200 17.03 10.28 -19.87
N ASP B 201 16.44 10.53 -21.04
CA ASP B 201 15.41 11.59 -21.23
C ASP B 201 14.03 10.97 -21.01
N PRO B 202 13.22 11.52 -20.08
CA PRO B 202 11.87 11.03 -19.84
C PRO B 202 10.93 11.14 -21.04
N THR B 203 11.05 12.20 -21.85
CA THR B 203 10.27 12.33 -23.11
C THR B 203 10.68 11.24 -24.10
N THR B 204 11.97 10.88 -24.17
CA THR B 204 12.47 9.82 -25.06
C THR B 204 12.00 8.45 -24.56
N ARG B 205 11.96 8.27 -23.24
CA ARG B 205 11.40 7.03 -22.65
C ARG B 205 9.95 6.90 -23.14
N ALA B 206 9.19 7.99 -23.16
CA ALA B 206 7.76 7.98 -23.54
C ALA B 206 7.60 7.61 -25.03
N VAL B 207 8.46 8.14 -25.89
CA VAL B 207 8.40 7.82 -27.35
C VAL B 207 8.79 6.36 -27.57
N ALA B 208 9.87 5.88 -26.91
CA ALA B 208 10.37 4.51 -27.07
C ALA B 208 9.27 3.51 -26.69
N PHE B 209 8.47 3.84 -25.67
CA PHE B 209 7.29 3.03 -25.27
C PHE B 209 6.21 3.13 -26.36
N GLU B 210 5.90 4.33 -26.83
CA GLU B 210 4.72 4.50 -27.71
C GLU B 210 5.02 3.89 -29.09
N THR B 211 6.27 3.85 -29.51
CA THR B 211 6.65 3.18 -30.79
C THR B 211 6.71 1.67 -30.63
N GLY B 212 6.61 1.14 -29.41
CA GLY B 212 6.80 -0.29 -29.13
C GLY B 212 8.25 -0.73 -29.15
N ASP B 213 9.22 0.19 -29.22
CA ASP B 213 10.66 -0.16 -29.08
C ASP B 213 10.93 -0.80 -27.70
N ILE B 214 10.27 -0.30 -26.65
CA ILE B 214 10.32 -0.94 -25.30
C ILE B 214 8.90 -1.38 -24.93
N ASP B 215 8.78 -2.32 -23.99
CA ASP B 215 7.51 -3.02 -23.65
C ASP B 215 6.95 -2.52 -22.32
N LEU B 216 7.79 -1.88 -21.52
CA LEU B 216 7.58 -1.67 -20.06
C LEU B 216 8.39 -0.46 -19.58
N LEU B 217 7.75 0.44 -18.83
CA LEU B 217 8.47 1.42 -18.00
C LEU B 217 7.98 1.24 -16.56
N TYR B 218 8.89 1.30 -15.60
CA TYR B 218 8.61 1.15 -14.15
C TYR B 218 9.55 2.08 -13.41
N GLY B 219 8.98 2.96 -12.62
CA GLY B 219 9.81 3.91 -11.84
C GLY B 219 8.96 4.90 -11.10
N ASN B 220 9.62 5.95 -10.63
CA ASN B 220 9.00 6.97 -9.75
C ASN B 220 8.40 8.08 -10.62
N GLU B 221 8.13 9.25 -10.04
CA GLU B 221 7.39 10.37 -10.67
C GLU B 221 8.18 10.97 -11.82
N GLY B 222 9.47 10.66 -11.94
CA GLY B 222 10.33 11.12 -13.04
C GLY B 222 10.36 10.16 -14.22
N LEU B 223 9.63 9.04 -14.18
CA LEU B 223 9.74 7.98 -15.21
C LEU B 223 9.46 8.57 -16.60
N LEU B 224 8.37 9.32 -16.73
CA LEU B 224 7.97 9.96 -18.00
C LEU B 224 7.16 11.20 -17.66
N PRO B 225 6.97 12.12 -18.63
CA PRO B 225 6.25 13.37 -18.37
C PRO B 225 4.84 12.95 -17.94
N LEU B 226 4.31 13.58 -16.91
CA LEU B 226 3.08 13.06 -16.25
C LEU B 226 1.85 13.41 -17.10
N ASP B 227 1.91 14.46 -17.92
CA ASP B 227 0.82 14.74 -18.91
C ASP B 227 0.79 13.62 -19.95
N THR B 228 1.94 13.15 -20.42
CA THR B 228 2.00 11.98 -21.33
C THR B 228 1.42 10.76 -20.60
N PHE B 229 1.83 10.55 -19.35
CA PHE B 229 1.33 9.44 -18.52
C PHE B 229 -0.21 9.45 -18.52
N ALA B 230 -0.82 10.60 -18.23
CA ALA B 230 -2.30 10.75 -18.17
C ALA B 230 -2.91 10.42 -19.54
N ARG B 231 -2.27 10.88 -20.61
CA ARG B 231 -2.79 10.61 -21.96
C ARG B 231 -2.77 9.07 -22.17
N PHE B 232 -1.65 8.41 -21.90
CA PHE B 232 -1.50 6.94 -21.99
C PHE B 232 -2.61 6.25 -21.16
N SER B 233 -2.96 6.78 -19.98
CA SER B 233 -3.97 6.14 -19.08
C SER B 233 -5.34 6.13 -19.78
N GLN B 234 -5.55 7.01 -20.76
CA GLN B 234 -6.87 7.15 -21.43
C GLN B 234 -6.89 6.32 -22.73
N ASN B 235 -5.80 5.70 -23.11
CA ASN B 235 -5.68 4.99 -24.41
C ASN B 235 -5.67 3.48 -24.18
N PRO B 236 -6.70 2.73 -24.64
CA PRO B 236 -6.76 1.26 -24.50
C PRO B 236 -5.63 0.45 -25.17
N ALA B 237 -4.92 1.06 -26.13
CA ALA B 237 -3.71 0.49 -26.79
C ALA B 237 -2.60 0.28 -25.75
N TYR B 238 -2.65 1.01 -24.64
CA TYR B 238 -1.61 1.01 -23.58
C TYR B 238 -2.20 0.51 -22.26
N HIS B 239 -1.31 0.16 -21.34
CA HIS B 239 -1.62 -0.14 -19.92
C HIS B 239 -0.82 0.80 -19.00
N THR B 240 -1.51 1.41 -18.03
CA THR B 240 -0.86 2.29 -17.04
C THR B 240 -1.24 1.86 -15.62
N GLN B 241 -0.35 2.16 -14.69
CA GLN B 241 -0.59 1.92 -13.24
C GLN B 241 0.06 3.03 -12.42
N LEU B 242 -0.58 3.33 -11.32
CA LEU B 242 -0.08 4.23 -10.27
C LEU B 242 -0.23 3.46 -8.97
N SER B 243 0.85 3.28 -8.24
CA SER B 243 0.81 2.65 -6.91
C SER B 243 0.25 3.68 -5.92
N GLN B 244 -0.02 3.18 -4.73
CA GLN B 244 -0.14 3.97 -3.48
CA GLN B 244 -0.14 3.97 -3.49
C GLN B 244 1.20 4.65 -3.23
N PRO B 245 1.21 5.82 -2.56
CA PRO B 245 2.47 6.54 -2.38
C PRO B 245 3.52 5.67 -1.67
N ILE B 246 4.79 5.87 -2.01
CA ILE B 246 5.90 5.00 -1.51
C ILE B 246 6.87 5.84 -0.67
N GLU B 247 6.97 7.15 -0.91
CA GLU B 247 8.03 7.98 -0.25
C GLU B 247 7.71 9.45 -0.42
N THR B 248 8.45 10.28 0.28
CA THR B 248 8.20 11.74 0.33
C THR B 248 9.22 12.42 -0.60
N VAL B 249 8.75 13.40 -1.37
CA VAL B 249 9.61 14.39 -2.07
C VAL B 249 9.46 15.70 -1.32
N MET B 250 10.57 16.39 -1.10
CA MET B 250 10.60 17.59 -0.24
CA MET B 250 10.57 17.63 -0.28
C MET B 250 11.81 18.46 -0.59
N LEU B 251 11.81 19.71 -0.15
CA LEU B 251 13.02 20.52 -0.06
C LEU B 251 13.64 20.25 1.31
N ALA B 252 14.98 20.21 1.36
CA ALA B 252 15.78 20.39 2.57
C ALA B 252 16.26 21.85 2.62
N LEU B 253 16.03 22.50 3.76
CA LEU B 253 16.43 23.90 3.99
C LEU B 253 17.64 23.87 4.91
N ASN B 254 18.64 24.66 4.56
CA ASN B 254 19.92 24.67 5.30
C ASN B 254 19.76 25.56 6.54
N THR B 255 19.60 24.90 7.69
CA THR B 255 19.47 25.55 9.02
C THR B 255 20.80 26.22 9.41
N ALA B 256 21.89 25.95 8.69
CA ALA B 256 23.22 26.49 9.04
C ALA B 256 23.60 27.63 8.11
N LYS B 257 22.76 28.01 7.15
CA LYS B 257 23.14 29.05 6.15
C LYS B 257 22.09 30.14 6.14
N ALA B 258 22.50 31.39 6.23
CA ALA B 258 21.61 32.56 6.11
C ALA B 258 20.98 32.52 4.72
N PRO B 259 19.68 32.87 4.57
CA PRO B 259 18.79 33.18 5.69
C PRO B 259 17.86 32.04 6.17
N THR B 260 18.02 30.83 5.63
CA THR B 260 17.32 29.60 6.10
C THR B 260 17.81 29.17 7.50
N ASN B 261 18.85 29.80 8.04
CA ASN B 261 19.28 29.59 9.45
C ASN B 261 18.18 30.07 10.39
N GLU B 262 17.27 30.95 9.96
CA GLU B 262 16.22 31.53 10.83
C GLU B 262 14.95 30.69 10.76
N LEU B 263 14.54 30.16 11.90
CA LEU B 263 13.30 29.38 12.04
C LEU B 263 12.14 30.09 11.35
N ALA B 264 12.03 31.42 11.48
CA ALA B 264 10.86 32.18 10.99
C ALA B 264 10.87 32.18 9.46
N VAL B 265 12.06 32.22 8.85
CA VAL B 265 12.19 32.15 7.37
C VAL B 265 11.74 30.75 6.92
N ARG B 266 12.23 29.70 7.59
CA ARG B 266 11.86 28.30 7.21
C ARG B 266 10.35 28.09 7.34
N GLU B 267 9.73 28.61 8.40
CA GLU B 267 8.27 28.49 8.61
C GLU B 267 7.55 29.25 7.50
N ALA B 268 8.02 30.44 7.13
CA ALA B 268 7.37 31.28 6.10
C ALA B 268 7.44 30.55 4.76
N LEU B 269 8.57 29.91 4.47
CA LEU B 269 8.73 29.14 3.21
C LEU B 269 7.72 27.98 3.24
N ASN B 270 7.51 27.36 4.41
CA ASN B 270 6.59 26.20 4.53
C ASN B 270 5.14 26.66 4.33
N TYR B 271 4.81 27.95 4.49
CA TYR B 271 3.42 28.49 4.32
C TYR B 271 3.23 29.05 2.91
N ALA B 272 4.34 29.26 2.19
CA ALA B 272 4.38 30.03 0.94
C ALA B 272 3.97 29.16 -0.25
N VAL B 273 4.20 27.85 -0.20
CA VAL B 273 4.06 26.98 -1.40
C VAL B 273 2.63 26.43 -1.46
N ASN B 274 1.95 26.64 -2.60
CA ASN B 274 0.62 26.07 -2.89
C ASN B 274 0.87 24.66 -3.47
N LYS B 275 0.89 23.65 -2.61
CA LYS B 275 1.35 22.29 -2.98
C LYS B 275 0.33 21.66 -3.94
N LYS B 276 -0.97 21.81 -3.67
CA LYS B 276 -2.03 21.28 -4.57
C LYS B 276 -1.80 21.87 -5.98
N SER B 277 -1.57 23.17 -6.09
CA SER B 277 -1.36 23.82 -7.40
C SER B 277 -0.06 23.29 -8.01
N LEU B 278 1.00 23.13 -7.20
CA LEU B 278 2.30 22.67 -7.72
C LEU B 278 2.10 21.29 -8.32
N ILE B 279 1.44 20.43 -7.56
CA ILE B 279 1.16 19.03 -8.01
C ILE B 279 0.31 19.09 -9.29
N ASP B 280 -0.73 19.92 -9.37
CA ASP B 280 -1.53 20.01 -10.63
C ASP B 280 -0.68 20.51 -11.80
N ASN B 281 0.32 21.37 -11.58
CA ASN B 281 1.02 22.10 -12.66
C ASN B 281 2.28 21.34 -13.08
N ALA B 282 3.01 20.73 -12.14
CA ALA B 282 4.30 20.11 -12.42
C ALA B 282 4.12 18.59 -12.56
N LEU B 283 3.05 18.03 -11.97
CA LEU B 283 2.89 16.55 -11.84
C LEU B 283 1.49 16.14 -12.35
N TYR B 284 0.84 17.03 -13.09
CA TYR B 284 -0.45 16.79 -13.79
C TYR B 284 -1.44 16.19 -12.81
N GLY B 285 -1.40 16.61 -11.55
CA GLY B 285 -2.38 16.25 -10.50
C GLY B 285 -2.34 14.79 -10.08
N THR B 286 -1.22 14.09 -10.30
CA THR B 286 -1.08 12.60 -10.22
C THR B 286 -0.48 12.13 -8.90
N GLN B 287 0.05 13.02 -8.10
CA GLN B 287 0.69 12.65 -6.81
C GLN B 287 -0.09 13.31 -5.68
N GLN B 288 0.24 12.96 -4.44
CA GLN B 288 -0.49 13.43 -3.23
C GLN B 288 0.30 14.54 -2.56
N VAL B 289 -0.40 15.51 -1.98
CA VAL B 289 0.22 16.60 -1.18
C VAL B 289 0.85 16.01 0.09
N ALA B 290 2.06 16.43 0.43
CA ALA B 290 2.80 16.01 1.65
C ALA B 290 2.83 17.15 2.67
N ASP B 291 2.41 16.91 3.90
CA ASP B 291 2.46 17.90 5.00
C ASP B 291 3.61 17.59 5.97
N THR B 292 4.07 16.33 6.02
CA THR B 292 5.11 15.89 7.00
C THR B 292 6.23 15.12 6.31
N LEU B 293 7.43 15.16 6.87
CA LEU B 293 8.57 14.38 6.36
C LEU B 293 8.11 12.95 6.02
N PHE B 294 7.43 12.28 6.93
CA PHE B 294 6.86 10.93 6.66
C PHE B 294 5.33 11.03 6.62
N ALA B 295 4.72 10.35 5.64
CA ALA B 295 3.27 10.16 5.56
C ALA B 295 2.79 9.47 6.83
N PRO B 296 1.57 9.81 7.31
CA PRO B 296 1.05 9.19 8.53
C PRO B 296 0.95 7.66 8.48
N SER B 297 0.94 7.05 7.29
CA SER B 297 0.90 5.59 7.08
C SER B 297 2.25 4.96 7.36
N VAL B 298 3.32 5.75 7.41
CA VAL B 298 4.68 5.22 7.66
C VAL B 298 4.74 4.70 9.09
N PRO B 299 5.40 3.56 9.32
CA PRO B 299 5.59 3.06 10.67
C PRO B 299 6.14 4.16 11.60
N TYR B 300 5.54 4.28 12.78
CA TYR B 300 5.96 5.18 13.87
C TYR B 300 5.66 6.64 13.55
N ALA B 301 4.97 6.95 12.44
CA ALA B 301 4.91 8.33 11.93
C ALA B 301 3.51 8.92 12.07
N ASN B 302 2.56 8.19 12.66
CA ASN B 302 1.19 8.71 12.85
C ASN B 302 1.15 9.50 14.17
N LEU B 303 1.58 10.75 14.13
CA LEU B 303 1.88 11.55 15.36
C LEU B 303 0.89 12.71 15.52
N GLY B 304 0.00 12.93 14.56
CA GLY B 304 -0.89 14.09 14.51
C GLY B 304 -0.11 15.37 14.43
N LEU B 305 1.01 15.39 13.70
CA LEU B 305 1.80 16.65 13.52
C LEU B 305 0.91 17.72 12.88
N LYS B 306 1.08 18.98 13.27
CA LYS B 306 0.27 20.10 12.69
C LYS B 306 0.80 20.46 11.29
N PRO B 307 0.02 20.30 10.19
CA PRO B 307 0.46 20.72 8.86
C PRO B 307 0.65 22.24 8.72
N SER B 308 1.56 22.67 7.84
CA SER B 308 1.69 24.08 7.38
C SER B 308 0.99 24.22 6.03
N GLN B 309 -0.26 24.66 6.09
CA GLN B 309 -1.16 24.93 4.94
C GLN B 309 -0.61 26.09 4.10
N TYR B 310 -1.10 26.21 2.87
CA TYR B 310 -0.73 27.36 2.00
C TYR B 310 -1.34 28.64 2.59
N ASP B 311 -0.53 29.63 2.97
CA ASP B 311 -1.03 30.87 3.62
C ASP B 311 0.02 31.96 3.46
N PRO B 312 0.09 32.63 2.29
CA PRO B 312 1.09 33.67 2.09
C PRO B 312 0.96 34.81 3.11
N GLN B 313 -0.26 35.17 3.52
CA GLN B 313 -0.51 36.24 4.52
C GLN B 313 0.19 35.85 5.83
N LYS B 314 -0.05 34.65 6.36
CA LYS B 314 0.68 34.18 7.57
C LYS B 314 2.20 34.26 7.34
N ALA B 315 2.71 33.83 6.17
CA ALA B 315 4.18 33.81 5.90
C ALA B 315 4.73 35.24 6.02
N LYS B 316 4.12 36.19 5.33
CA LYS B 316 4.59 37.60 5.32
C LYS B 316 4.60 38.13 6.77
N ALA B 317 3.58 37.80 7.56
CA ALA B 317 3.48 38.26 8.96
C ALA B 317 4.64 37.66 9.77
N LEU B 318 4.88 36.36 9.63
CA LEU B 318 6.04 35.65 10.25
C LEU B 318 7.33 36.36 9.87
N LEU B 319 7.52 36.71 8.58
CA LEU B 319 8.75 37.39 8.13
C LEU B 319 8.81 38.78 8.75
N GLU B 320 7.72 39.56 8.74
CA GLU B 320 7.71 40.93 9.33
C GLU B 320 8.09 40.81 10.81
N LYS B 321 7.50 39.85 11.55
CA LYS B 321 7.83 39.66 12.98
C LYS B 321 9.33 39.40 13.13
N ALA B 322 10.00 38.79 12.14
CA ALA B 322 11.43 38.42 12.25
C ALA B 322 12.30 39.57 11.73
N GLY B 323 11.69 40.67 11.27
CA GLY B 323 12.41 41.88 10.86
C GLY B 323 12.81 41.83 9.39
N TRP B 324 12.14 40.97 8.61
CA TRP B 324 12.25 40.94 7.12
C TRP B 324 11.18 41.83 6.52
N THR B 325 11.51 43.08 6.24
CA THR B 325 10.51 44.10 5.84
C THR B 325 10.76 44.48 4.38
N LEU B 326 9.76 45.08 3.75
CA LEU B 326 9.87 45.57 2.36
C LEU B 326 10.32 47.02 2.35
N PRO B 327 11.52 47.35 1.83
CA PRO B 327 11.80 48.75 1.52
C PRO B 327 10.68 49.17 0.56
N ALA B 328 10.09 50.35 0.79
CA ALA B 328 9.37 51.11 -0.27
C ALA B 328 10.37 51.31 -1.40
N GLY B 329 9.98 51.04 -2.65
CA GLY B 329 8.87 50.20 -3.03
C GLY B 329 9.39 48.97 -3.74
N LYS B 330 10.28 48.21 -3.06
CA LYS B 330 10.87 46.94 -3.55
C LYS B 330 9.86 45.81 -3.34
N ASP B 331 10.10 44.65 -3.94
CA ASP B 331 9.24 43.43 -3.86
C ASP B 331 9.90 42.36 -2.96
N ILE B 332 11.21 42.47 -2.74
CA ILE B 332 12.04 41.49 -1.99
C ILE B 332 12.40 42.04 -0.61
N ARG B 333 12.05 41.32 0.44
CA ARG B 333 12.28 41.77 1.84
C ARG B 333 13.78 41.89 2.13
N GLU B 334 14.08 42.64 3.17
CA GLU B 334 15.47 42.97 3.62
C GLU B 334 15.52 42.98 5.15
N LYS B 335 16.70 42.68 5.68
CA LYS B 335 16.99 42.63 7.13
C LYS B 335 18.50 42.90 7.35
N ASN B 336 18.83 43.91 8.18
CA ASN B 336 20.23 44.26 8.53
C ASN B 336 21.07 44.38 7.25
N GLY B 337 20.52 45.04 6.22
CA GLY B 337 21.21 45.27 4.93
C GLY B 337 20.93 44.20 3.88
N GLN B 338 20.66 42.96 4.29
CA GLN B 338 20.69 41.72 3.44
C GLN B 338 19.31 41.44 2.83
N PRO B 339 19.25 41.08 1.52
CA PRO B 339 18.01 40.67 0.87
C PRO B 339 17.64 39.23 1.26
N LEU B 340 16.34 38.94 1.29
CA LEU B 340 15.82 37.60 1.57
C LEU B 340 15.98 36.79 0.28
N ARG B 341 17.23 36.39 0.00
CA ARG B 341 17.63 35.60 -1.19
C ARG B 341 18.01 34.20 -0.71
N ILE B 342 17.40 33.18 -1.32
CA ILE B 342 17.65 31.76 -0.99
C ILE B 342 18.01 31.03 -2.29
N GLU B 343 19.17 30.38 -2.30
CA GLU B 343 19.59 29.59 -3.48
CA GLU B 343 19.62 29.57 -3.46
C GLU B 343 18.89 28.22 -3.44
N LEU B 344 18.17 27.89 -4.53
CA LEU B 344 17.60 26.54 -4.76
C LEU B 344 18.48 25.89 -5.82
N SER B 345 19.35 24.98 -5.42
CA SER B 345 20.29 24.31 -6.37
C SER B 345 19.70 22.96 -6.76
N PHE B 346 19.62 22.68 -8.06
CA PHE B 346 19.00 21.44 -8.56
C PHE B 346 19.71 20.99 -9.83
N ILE B 347 19.44 19.76 -10.27
CA ILE B 347 20.00 19.18 -11.52
C ILE B 347 19.36 19.92 -12.68
N GLY B 348 20.13 20.78 -13.34
CA GLY B 348 19.60 21.76 -14.32
C GLY B 348 18.97 21.08 -15.51
N THR B 349 19.34 19.83 -15.82
CA THR B 349 18.81 19.01 -16.94
C THR B 349 17.61 18.15 -16.50
N ASP B 350 17.23 18.16 -15.20
CA ASP B 350 16.03 17.43 -14.72
C ASP B 350 14.80 18.33 -14.93
N ALA B 351 14.00 18.06 -15.98
CA ALA B 351 12.84 18.89 -16.40
C ALA B 351 11.83 19.01 -15.25
N LEU B 352 11.57 17.93 -14.53
CA LEU B 352 10.60 17.97 -13.40
C LEU B 352 11.12 18.87 -12.27
N SER B 353 12.38 18.69 -11.86
CA SER B 353 13.04 19.53 -10.83
C SER B 353 12.95 20.99 -11.24
N LYS B 354 13.27 21.30 -12.51
CA LYS B 354 13.24 22.68 -13.01
C LYS B 354 11.82 23.23 -12.89
N SER B 355 10.84 22.44 -13.34
CA SER B 355 9.42 22.86 -13.35
C SER B 355 8.96 23.17 -11.91
N MET B 356 9.28 22.30 -10.99
CA MET B 356 8.92 22.49 -9.56
C MET B 356 9.70 23.70 -9.01
N ALA B 357 10.96 23.85 -9.36
CA ALA B 357 11.79 24.98 -8.88
C ALA B 357 11.17 26.32 -9.32
N GLU B 358 10.71 26.40 -10.56
CA GLU B 358 10.04 27.60 -11.13
C GLU B 358 8.81 27.93 -10.31
N ILE B 359 7.98 26.93 -9.99
CA ILE B 359 6.68 27.15 -9.30
C ILE B 359 7.05 27.65 -7.88
N ILE B 360 8.06 27.02 -7.30
CA ILE B 360 8.49 27.34 -5.92
C ILE B 360 8.96 28.79 -5.92
N GLN B 361 9.85 29.15 -6.83
CA GLN B 361 10.34 30.54 -6.95
C GLN B 361 9.17 31.52 -7.04
N ALA B 362 8.16 31.24 -7.87
CA ALA B 362 7.02 32.14 -8.08
C ALA B 362 6.23 32.26 -6.77
N ASP B 363 5.92 31.16 -6.10
CA ASP B 363 5.16 31.21 -4.82
C ASP B 363 5.94 32.05 -3.79
N MET B 364 7.23 31.80 -3.63
CA MET B 364 8.04 32.46 -2.57
C MET B 364 8.22 33.94 -2.89
N ARG B 365 8.19 34.30 -4.18
CA ARG B 365 8.23 35.71 -4.61
C ARG B 365 7.04 36.46 -4.01
N GLN B 366 5.86 35.82 -3.91
CA GLN B 366 4.62 36.48 -3.45
C GLN B 366 4.74 36.84 -1.96
N ILE B 367 5.67 36.23 -1.19
CA ILE B 367 5.93 36.61 0.25
C ILE B 367 7.22 37.44 0.34
N GLY B 368 7.83 37.87 -0.76
CA GLY B 368 9.00 38.78 -0.74
C GLY B 368 10.33 38.06 -0.60
N ALA B 369 10.36 36.75 -0.84
CA ALA B 369 11.57 35.91 -0.78
C ALA B 369 12.03 35.63 -2.22
N ASP B 370 13.27 35.99 -2.53
CA ASP B 370 13.90 35.85 -3.86
C ASP B 370 14.62 34.50 -3.93
N VAL B 371 13.99 33.51 -4.55
CA VAL B 371 14.63 32.19 -4.74
C VAL B 371 15.53 32.32 -5.98
N SER B 372 16.82 32.09 -5.81
CA SER B 372 17.79 31.92 -6.92
C SER B 372 17.69 30.49 -7.45
N LEU B 373 17.33 30.31 -8.72
CA LEU B 373 17.36 28.98 -9.36
C LEU B 373 18.77 28.70 -9.85
N ILE B 374 19.46 27.80 -9.18
CA ILE B 374 20.86 27.42 -9.51
C ILE B 374 20.82 26.02 -10.08
N GLY B 375 20.72 25.90 -11.41
CA GLY B 375 20.77 24.61 -12.12
C GLY B 375 22.20 24.21 -12.42
N GLU B 376 22.62 23.02 -12.01
CA GLU B 376 23.99 22.51 -12.24
C GLU B 376 23.98 21.04 -12.66
N GLU B 377 25.16 20.53 -13.02
CA GLU B 377 25.35 19.10 -13.36
C GLU B 377 25.09 18.31 -12.07
N GLU B 378 24.78 17.02 -12.22
CA GLU B 378 24.42 16.10 -11.11
C GLU B 378 25.55 16.06 -10.08
N SER B 379 26.81 15.95 -10.53
CA SER B 379 27.99 15.75 -9.64
C SER B 379 28.17 16.99 -8.76
N SER B 380 27.98 18.17 -9.33
CA SER B 380 28.02 19.46 -8.60
C SER B 380 26.93 19.49 -7.51
N ILE B 381 25.72 19.03 -7.83
CA ILE B 381 24.59 18.96 -6.86
C ILE B 381 24.96 17.99 -5.74
N TYR B 382 25.64 16.89 -6.07
CA TYR B 382 26.01 15.84 -5.08
C TYR B 382 27.14 16.33 -4.17
N ALA B 383 28.08 17.11 -4.70
CA ALA B 383 29.15 17.79 -3.92
C ALA B 383 28.53 18.84 -2.98
N ARG B 384 27.56 19.60 -3.50
CA ARG B 384 26.80 20.59 -2.68
C ARG B 384 26.15 19.87 -1.47
N GLN B 385 25.37 18.82 -1.70
CA GLN B 385 24.73 18.02 -0.62
C GLN B 385 25.78 17.63 0.43
N ARG B 386 26.88 17.00 0.03
CA ARG B 386 27.91 16.45 0.93
C ARG B 386 28.57 17.59 1.71
N ASP B 387 28.84 18.72 1.05
CA ASP B 387 29.59 19.85 1.67
C ASP B 387 28.65 20.82 2.40
N GLY B 388 27.34 20.67 2.25
CA GLY B 388 26.38 21.61 2.87
C GLY B 388 26.38 22.96 2.15
N ARG B 389 26.82 23.00 0.89
CA ARG B 389 26.91 24.25 0.07
C ARG B 389 25.56 24.43 -0.65
N PHE B 390 24.51 24.72 0.10
CA PHE B 390 23.14 24.95 -0.44
C PHE B 390 22.29 25.75 0.53
N GLY B 391 21.33 26.49 -0.04
CA GLY B 391 20.22 27.08 0.73
C GLY B 391 19.09 26.07 0.82
N MET B 392 18.61 25.67 -0.35
CA MET B 392 17.50 24.70 -0.48
C MET B 392 17.87 23.72 -1.57
N ILE B 393 17.59 22.44 -1.37
CA ILE B 393 17.80 21.38 -2.38
C ILE B 393 16.56 20.51 -2.40
N PHE B 394 16.27 19.89 -3.54
CA PHE B 394 15.27 18.82 -3.60
C PHE B 394 15.84 17.62 -2.88
N HIS B 395 14.98 16.87 -2.24
CA HIS B 395 15.42 15.67 -1.51
C HIS B 395 14.26 14.69 -1.49
N ARG B 396 14.51 13.46 -1.05
CA ARG B 396 13.41 12.49 -0.95
C ARG B 396 13.73 11.49 0.15
N THR B 397 12.71 10.83 0.66
CA THR B 397 12.89 9.69 1.59
C THR B 397 13.04 8.46 0.69
N TRP B 398 13.19 7.29 1.29
CA TRP B 398 13.79 6.10 0.65
C TRP B 398 12.75 4.99 0.44
N GLY B 399 11.55 5.15 0.99
CA GLY B 399 10.49 4.12 0.96
C GLY B 399 10.82 2.93 1.84
N ALA B 400 9.99 1.91 1.76
CA ALA B 400 10.12 0.67 2.57
C ALA B 400 11.32 -0.11 2.06
N PRO B 401 12.08 -0.80 2.94
CA PRO B 401 11.91 -0.76 4.40
C PRO B 401 12.77 0.25 5.18
N TYR B 402 13.23 1.30 4.49
CA TYR B 402 14.16 2.34 5.02
C TYR B 402 13.39 3.37 5.86
N ASP B 403 12.18 3.71 5.47
CA ASP B 403 11.40 4.80 6.12
C ASP B 403 10.68 4.22 7.33
N PRO B 404 10.86 4.76 8.56
CA PRO B 404 11.74 5.90 8.84
C PRO B 404 13.15 5.60 9.39
N HIS B 405 13.38 4.38 9.88
CA HIS B 405 14.51 4.07 10.81
C HIS B 405 15.87 4.29 10.12
N ALA B 406 16.05 3.83 8.89
CA ALA B 406 17.33 3.95 8.15
C ALA B 406 17.49 5.37 7.59
N PHE B 407 16.41 5.99 7.08
CA PHE B 407 16.45 7.45 6.75
C PHE B 407 16.95 8.22 7.97
N LEU B 408 16.40 7.93 9.16
CA LEU B 408 16.81 8.66 10.39
C LEU B 408 18.26 8.30 10.69
N SER B 409 18.60 7.01 10.64
CA SER B 409 19.98 6.55 10.90
C SER B 409 20.95 7.43 10.09
N SER B 410 20.66 7.65 8.80
CA SER B 410 21.60 8.34 7.89
C SER B 410 21.75 9.82 8.23
N MET B 411 20.79 10.45 8.90
CA MET B 411 20.89 11.88 9.30
C MET B 411 22.11 12.14 10.19
N ARG B 412 22.68 11.08 10.76
CA ARG B 412 23.82 11.16 11.70
C ARG B 412 25.15 11.26 10.95
N VAL B 413 25.16 11.03 9.63
CA VAL B 413 26.41 10.79 8.84
C VAL B 413 26.82 12.12 8.19
N PRO B 414 28.03 12.64 8.52
CA PRO B 414 28.41 14.01 8.17
C PRO B 414 28.36 14.38 6.69
N SER B 415 28.56 13.42 5.79
CA SER B 415 28.68 13.70 4.34
C SER B 415 27.29 13.75 3.70
N HIS B 416 26.20 13.63 4.49
CA HIS B 416 24.81 13.46 3.97
C HIS B 416 24.04 14.79 4.04
N ALA B 417 23.17 15.03 3.05
CA ALA B 417 22.34 16.25 2.88
C ALA B 417 21.60 16.54 4.19
N ASP B 418 21.07 15.50 4.83
CA ASP B 418 20.18 15.67 6.01
C ASP B 418 21.03 16.17 7.16
N PHE B 419 22.21 15.58 7.34
CA PHE B 419 23.19 15.98 8.37
C PHE B 419 23.52 17.45 8.15
N GLN B 420 23.83 17.81 6.89
CA GLN B 420 24.25 19.17 6.51
C GLN B 420 23.11 20.15 6.78
N ALA B 421 21.88 19.81 6.37
CA ALA B 421 20.70 20.70 6.53
C ALA B 421 20.41 20.96 8.01
N GLN B 422 20.65 19.98 8.89
CA GLN B 422 20.30 20.01 10.34
C GLN B 422 21.42 20.63 11.21
N GLN B 423 22.58 20.95 10.65
CA GLN B 423 23.79 21.42 11.41
C GLN B 423 23.52 22.70 12.21
N GLY B 424 22.63 23.57 11.74
CA GLY B 424 22.29 24.81 12.46
C GLY B 424 21.31 24.59 13.59
N LEU B 425 20.83 23.37 13.84
CA LEU B 425 19.84 23.14 14.93
C LEU B 425 20.56 23.04 16.28
N ALA B 426 20.08 23.82 17.24
CA ALA B 426 20.59 23.79 18.64
C ALA B 426 20.47 22.36 19.17
N ASP B 427 19.41 21.64 18.78
CA ASP B 427 19.12 20.27 19.27
C ASP B 427 19.61 19.18 18.29
N LYS B 428 20.47 19.50 17.33
CA LYS B 428 21.03 18.44 16.43
C LYS B 428 21.76 17.36 17.24
N PRO B 429 22.60 17.74 18.24
CA PRO B 429 23.26 16.74 19.07
C PRO B 429 22.25 15.81 19.78
N LEU B 430 21.22 16.36 20.42
CA LEU B 430 20.15 15.56 21.07
C LEU B 430 19.45 14.66 20.05
N ILE B 431 19.14 15.18 18.85
CA ILE B 431 18.42 14.40 17.81
C ILE B 431 19.29 13.20 17.43
N ASP B 432 20.58 13.39 17.19
CA ASP B 432 21.48 12.30 16.73
C ASP B 432 21.57 11.25 17.86
N LYS B 433 21.70 11.69 19.11
CA LYS B 433 21.72 10.78 20.27
C LYS B 433 20.44 9.95 20.29
N GLU B 434 19.29 10.60 20.06
CA GLU B 434 17.97 9.94 20.17
C GLU B 434 17.79 8.94 19.02
N ILE B 435 18.28 9.28 17.81
CA ILE B 435 18.27 8.36 16.64
C ILE B 435 19.04 7.09 17.03
N GLY B 436 20.22 7.28 17.64
CA GLY B 436 21.03 6.15 18.14
C GLY B 436 20.22 5.28 19.10
N GLU B 437 19.52 5.94 20.02
CA GLU B 437 18.78 5.26 21.12
C GLU B 437 17.56 4.52 20.54
N VAL B 438 16.85 5.13 19.58
CA VAL B 438 15.62 4.53 18.99
C VAL B 438 16.01 3.24 18.23
N LEU B 439 17.17 3.26 17.57
CA LEU B 439 17.72 2.10 16.83
C LEU B 439 18.13 0.99 17.81
N ALA B 440 18.68 1.34 18.98
CA ALA B 440 19.29 0.38 19.93
C ALA B 440 18.31 -0.13 20.99
N THR B 441 17.29 0.65 21.37
CA THR B 441 16.50 0.35 22.59
C THR B 441 15.74 -0.94 22.39
N HIS B 442 15.54 -1.70 23.47
CA HIS B 442 14.73 -2.95 23.46
C HIS B 442 13.36 -2.62 24.07
N ASP B 443 13.18 -1.37 24.47
CA ASP B 443 11.96 -0.87 25.15
C ASP B 443 11.05 -0.21 24.10
N GLU B 444 10.00 -0.91 23.69
CA GLU B 444 9.13 -0.49 22.55
C GLU B 444 8.43 0.84 22.90
N THR B 445 8.04 1.03 24.15
CA THR B 445 7.38 2.28 24.60
C THR B 445 8.36 3.44 24.44
N GLN B 446 9.61 3.26 24.87
CA GLN B 446 10.66 4.29 24.73
C GLN B 446 10.86 4.57 23.23
N ARG B 447 10.92 3.50 22.42
CA ARG B 447 11.15 3.57 20.96
C ARG B 447 10.13 4.58 20.36
N GLN B 448 8.85 4.44 20.75
CA GLN B 448 7.74 5.21 20.12
C GLN B 448 7.83 6.67 20.56
N ALA B 449 8.15 6.90 21.84
CA ALA B 449 8.41 8.24 22.41
C ALA B 449 9.56 8.93 21.67
N LEU B 450 10.64 8.21 21.34
CA LEU B 450 11.85 8.78 20.71
C LEU B 450 11.53 9.11 19.26
N TYR B 451 10.76 8.25 18.60
CA TYR B 451 10.32 8.55 17.23
C TYR B 451 9.45 9.80 17.28
N ARG B 452 8.51 9.86 18.22
CA ARG B 452 7.69 11.09 18.36
C ARG B 452 8.65 12.28 18.55
N ASP B 453 9.59 12.18 19.48
CA ASP B 453 10.45 13.34 19.81
C ASP B 453 11.22 13.79 18.55
N ILE B 454 11.87 12.85 17.86
CA ILE B 454 12.76 13.14 16.70
C ILE B 454 11.92 13.73 15.57
N LEU B 455 10.78 13.11 15.27
CA LEU B 455 9.98 13.52 14.11
C LEU B 455 9.27 14.82 14.45
N THR B 456 8.83 15.02 15.70
CA THR B 456 8.20 16.30 16.07
C THR B 456 9.25 17.43 16.04
N ARG B 457 10.45 17.25 16.59
CA ARG B 457 11.53 18.29 16.51
C ARG B 457 11.83 18.67 15.03
N LEU B 458 12.01 17.68 14.17
CA LEU B 458 12.35 17.92 12.75
C LEU B 458 11.20 18.70 12.09
N HIS B 459 9.95 18.36 12.43
CA HIS B 459 8.73 19.07 11.93
C HIS B 459 8.69 20.52 12.44
N ASP B 460 8.73 20.71 13.76
CA ASP B 460 8.60 22.04 14.43
C ASP B 460 9.73 22.96 13.97
N GLU B 461 10.91 22.42 13.71
CA GLU B 461 12.08 23.24 13.28
C GLU B 461 12.06 23.53 11.77
N ALA B 462 11.08 22.99 11.04
CA ALA B 462 10.92 23.29 9.59
C ALA B 462 12.25 23.09 8.86
N VAL B 463 12.92 21.99 9.15
CA VAL B 463 14.11 21.55 8.38
C VAL B 463 13.72 21.25 6.92
N TYR B 464 12.55 20.69 6.71
CA TYR B 464 12.06 20.22 5.39
C TYR B 464 10.88 21.08 4.94
N LEU B 465 10.63 21.13 3.64
CA LEU B 465 9.38 21.64 3.03
C LEU B 465 8.78 20.47 2.26
N PRO B 466 7.98 19.62 2.95
CA PRO B 466 7.39 18.45 2.31
C PRO B 466 6.53 18.89 1.13
N ILE B 467 6.69 18.21 0.00
CA ILE B 467 5.98 18.60 -1.23
C ILE B 467 4.91 17.58 -1.53
N SER B 468 5.31 16.34 -1.75
CA SER B 468 4.42 15.29 -2.29
CA SER B 468 4.42 15.28 -2.29
C SER B 468 4.81 13.92 -1.72
N TYR B 469 3.79 13.06 -1.53
CA TYR B 469 3.99 11.61 -1.37
C TYR B 469 3.86 11.06 -2.78
N ILE B 470 4.95 10.57 -3.34
CA ILE B 470 4.94 10.15 -4.77
C ILE B 470 4.65 8.66 -4.88
N SER B 471 4.24 8.26 -6.07
CA SER B 471 3.88 6.86 -6.38
C SER B 471 4.88 6.25 -7.37
N MET B 472 4.98 4.91 -7.36
CA MET B 472 5.53 4.14 -8.47
C MET B 472 4.54 4.22 -9.63
N MET B 473 5.03 4.40 -10.85
CA MET B 473 4.17 4.40 -12.04
CA MET B 473 4.21 4.46 -12.09
C MET B 473 4.65 3.32 -13.01
N VAL B 474 3.72 2.81 -13.79
CA VAL B 474 3.99 1.74 -14.77
C VAL B 474 3.33 2.14 -16.07
N VAL B 475 4.04 1.94 -17.17
CA VAL B 475 3.44 1.96 -18.52
C VAL B 475 3.87 0.65 -19.15
N SER B 476 2.94 -0.13 -19.67
CA SER B 476 3.26 -1.49 -20.18
C SER B 476 2.46 -1.78 -21.44
N LYS B 477 2.99 -2.62 -22.34
CA LYS B 477 2.18 -3.28 -23.40
C LYS B 477 1.08 -4.08 -22.72
N PRO B 478 -0.20 -3.96 -23.12
CA PRO B 478 -1.28 -4.77 -22.54
C PRO B 478 -0.99 -6.27 -22.40
N GLU B 479 -0.32 -6.90 -23.38
CA GLU B 479 0.00 -8.37 -23.32
C GLU B 479 0.78 -8.74 -22.05
N LEU B 480 1.49 -7.81 -21.40
CA LEU B 480 2.33 -8.13 -20.21
C LEU B 480 1.44 -8.33 -18.97
N GLY B 481 0.18 -7.92 -19.01
CA GLY B 481 -0.76 -8.04 -17.88
C GLY B 481 -0.50 -6.99 -16.81
N ASN B 482 -1.08 -7.23 -15.65
CA ASN B 482 -0.92 -6.43 -14.42
C ASN B 482 0.54 -6.56 -13.99
N ILE B 483 1.19 -5.42 -13.78
CA ILE B 483 2.62 -5.41 -13.38
C ILE B 483 2.63 -5.22 -11.86
N PRO B 484 3.11 -6.20 -11.08
CA PRO B 484 3.15 -6.07 -9.63
C PRO B 484 4.23 -5.09 -9.13
N TYR B 485 4.06 -4.62 -7.89
CA TYR B 485 5.04 -3.80 -7.17
C TYR B 485 5.82 -4.70 -6.20
N ALA B 486 7.12 -4.43 -6.12
CA ALA B 486 8.02 -5.00 -5.10
C ALA B 486 7.72 -4.32 -3.76
N PRO B 487 7.69 -5.06 -2.64
CA PRO B 487 7.59 -4.41 -1.34
C PRO B 487 8.72 -3.42 -1.03
N ILE B 488 9.95 -3.71 -1.47
CA ILE B 488 11.10 -2.75 -1.37
C ILE B 488 10.96 -1.77 -2.51
N ALA B 489 10.86 -0.47 -2.19
CA ALA B 489 10.59 0.61 -3.16
C ALA B 489 11.69 0.67 -4.23
N THR B 490 12.94 0.34 -3.94
CA THR B 490 14.07 0.36 -4.91
C THR B 490 14.14 -0.92 -5.76
N GLU B 491 13.24 -1.89 -5.60
CA GLU B 491 13.34 -3.14 -6.38
C GLU B 491 12.25 -3.12 -7.44
N ILE B 492 12.44 -3.91 -8.49
CA ILE B 492 11.47 -4.09 -9.60
C ILE B 492 11.26 -5.59 -9.77
N PRO B 493 10.01 -6.10 -9.57
CA PRO B 493 9.76 -7.54 -9.44
C PRO B 493 9.64 -8.23 -10.80
N PHE B 494 10.68 -8.12 -11.64
CA PHE B 494 10.71 -8.67 -13.01
C PHE B 494 10.33 -10.16 -13.01
N GLU B 495 10.72 -10.90 -11.97
CA GLU B 495 10.49 -12.37 -11.86
C GLU B 495 9.00 -12.69 -11.65
N GLN B 496 8.15 -11.67 -11.33
CA GLN B 496 6.68 -11.81 -11.06
C GLN B 496 5.87 -11.43 -12.30
N ILE B 497 6.51 -10.98 -13.38
CA ILE B 497 5.80 -10.60 -14.62
C ILE B 497 5.46 -11.89 -15.39
N LYS B 498 4.17 -12.09 -15.68
CA LYS B 498 3.65 -13.26 -16.47
C LYS B 498 2.99 -12.76 -17.77
N PRO B 499 3.76 -12.56 -18.86
CA PRO B 499 3.20 -12.06 -20.12
C PRO B 499 1.83 -12.69 -20.47
FE FE C . -19.43 -10.06 2.39
O20 EDT D . -22.90 -12.51 2.42
C5 EDT D . -21.87 -11.82 2.17
O19 EDT D . -21.33 -10.97 2.94
C4 EDT D . -21.24 -12.05 0.80
N3 EDT D . -20.56 -10.80 0.35
C2 EDT D . -21.56 -9.79 -0.01
C1 EDT D . -21.21 -8.43 0.62
O18 EDT D . -21.76 -7.44 0.13
O17 EDT D . -20.42 -8.29 1.61
C6 EDT D . -19.60 -11.14 -0.71
C7 EDT D . -18.43 -10.16 -0.62
N8 EDT D . -17.83 -10.13 0.72
C9 EDT D . -17.02 -11.31 0.90
C10 EDT D . -17.63 -12.29 1.90
O16 EDT D . -17.09 -13.42 1.90
O15 EDT D . -18.54 -11.94 2.67
C11 EDT D . -16.93 -8.97 0.85
C12 EDT D . -17.08 -8.54 2.26
O13 EDT D . -16.27 -7.67 2.64
O14 EDT D . -17.93 -9.08 3.02
CL CL E . -15.74 6.23 13.10
C1 GOL F . -14.74 9.35 -18.47
O1 GOL F . -14.23 10.50 -17.80
C2 GOL F . -14.03 9.15 -19.79
O2 GOL F . -12.80 9.88 -19.72
C3 GOL F . -14.85 9.60 -20.97
O3 GOL F . -15.64 8.52 -21.49
C1 GOL G . -34.91 14.01 6.55
O1 GOL G . -34.81 14.93 7.64
C2 GOL G . -36.00 14.39 5.56
O2 GOL G . -37.28 14.03 6.07
C3 GOL G . -36.01 15.85 5.17
O3 GOL G . -36.77 16.08 3.98
C1 GOL H . 5.02 -9.81 -0.56
O1 GOL H . 4.90 -8.95 0.57
C2 GOL H . 5.09 -9.02 -1.85
O2 GOL H . 3.94 -8.18 -1.95
C3 GOL H . 5.20 -9.89 -3.09
O3 GOL H . 6.13 -10.95 -2.91
C1 GOL I . -17.03 -32.09 -7.04
O1 GOL I . -16.04 -31.25 -7.60
C2 GOL I . -18.37 -31.40 -7.06
O2 GOL I . -18.82 -31.18 -5.71
C3 GOL I . -18.30 -30.10 -7.83
O3 GOL I . -19.55 -29.41 -7.83
C1 GOL J . -21.43 -13.03 -9.31
O1 GOL J . -20.02 -12.96 -9.18
C2 GOL J . -21.86 -13.90 -10.48
O2 GOL J . -23.28 -14.05 -10.52
C3 GOL J . -21.20 -15.27 -10.45
O3 GOL J . -22.14 -16.31 -10.71
C1 GOL K . -40.75 4.25 -10.17
O1 GOL K . -39.90 5.37 -10.50
C2 GOL K . -41.27 4.35 -8.75
O2 GOL K . -40.73 5.53 -8.15
C3 GOL K . -40.94 3.15 -7.88
O3 GOL K . -41.04 3.43 -6.49
C1 GOL L . -16.23 -1.28 12.68
O1 GOL L . -16.21 -0.36 11.59
C2 GOL L . -14.97 -2.12 12.67
O2 GOL L . -14.94 -2.96 13.83
C3 GOL L . -14.85 -2.93 11.41
O3 GOL L . -13.64 -2.63 10.74
C ACT M . 8.84 -26.22 4.83
O ACT M . 9.60 -27.07 4.35
OXT ACT M . 8.48 -26.23 6.04
CH3 ACT M . 8.32 -25.11 3.91
C ACT N . -23.48 -18.49 25.12
O ACT N . -22.91 -18.41 24.01
OXT ACT N . -23.01 -19.10 26.08
CH3 ACT N . -24.81 -17.77 25.32
C ACT O . -39.15 24.34 -0.13
O ACT O . -38.79 25.51 -0.02
OXT ACT O . -38.95 23.47 0.75
CH3 ACT O . -39.84 23.90 -1.42
C1 GOL P . -13.51 -27.43 20.79
O1 GOL P . -13.74 -26.36 19.88
C2 GOL P . -12.96 -26.96 22.12
O2 GOL P . -14.02 -26.44 22.93
C3 GOL P . -11.87 -25.92 21.99
O3 GOL P . -11.64 -25.22 23.22
C1 GOL Q . -23.07 -17.42 -13.07
O1 GOL Q . -22.37 -16.25 -13.49
C2 GOL Q . -23.41 -18.29 -14.24
O2 GOL Q . -22.63 -19.48 -14.15
C3 GOL Q . -24.90 -18.62 -14.34
O3 GOL Q . -25.69 -17.45 -14.47
C ACT R . -23.94 -35.90 12.85
O ACT R . -23.48 -35.68 11.73
OXT ACT R . -23.79 -36.98 13.43
CH3 ACT R . -24.73 -34.79 13.58
C1 GOL S . -31.91 -5.93 -15.75
O1 GOL S . -33.20 -6.18 -15.23
C2 GOL S . -31.67 -6.80 -16.96
O2 GOL S . -30.57 -7.66 -16.71
C3 GOL S . -31.49 -5.94 -18.18
O3 GOL S . -32.54 -4.99 -18.28
C ACT T . -35.97 15.50 -20.33
O ACT T . -36.50 16.48 -20.87
OXT ACT T . -36.60 14.63 -19.70
CH3 ACT T . -34.44 15.36 -20.45
C1 GOL U . -20.35 -8.97 9.44
O1 GOL U . -20.67 -8.52 10.76
C2 GOL U . -21.60 -9.46 8.79
O2 GOL U . -22.40 -8.34 8.51
C3 GOL U . -22.36 -10.37 9.70
O3 GOL U . -22.31 -9.84 11.02
C ACT V . -18.92 -5.86 11.53
O ACT V . -18.33 -6.65 10.78
OXT ACT V . -20.03 -6.08 12.05
CH3 ACT V . -18.25 -4.51 11.84
RU RU W . 21.19 5.58 -2.01
CAD 6RP X . 22.11 5.04 1.91
CAI 6RP X . 22.83 6.19 1.81
CAK 6RP X . 22.67 6.60 0.49
NAL 6RP X . 21.90 5.77 -0.17
NAE 6RP X . 21.52 4.82 0.73
CA 6RP X . 20.70 3.70 0.29
C 6RP X . 21.54 2.87 -0.75
OXT 6RP X . 22.04 3.53 -1.70
O 6RP X . 21.68 1.63 -0.60
N 6RP X . 19.42 4.15 -0.27
NAM 6RP X . 19.40 4.91 -1.40
CAN 6RP X . 18.13 5.07 -1.72
CAJ 6RP X . 17.31 4.42 -0.80
CAH 6RP X . 18.17 3.84 0.10
CL CL Y . 23.56 6.14 -2.72
C CMO Z . 20.72 5.26 -3.96
O CMO Z . 20.23 5.07 -4.96
C1 GOL AA . 12.85 7.58 -13.13
O1 GOL AA . 12.86 8.81 -12.44
C2 GOL AA . 14.01 6.70 -12.72
O2 GOL AA . 14.05 5.60 -13.63
C3 GOL AA . 13.88 6.21 -11.29
O3 GOL AA . 12.56 5.73 -11.06
C1 GOL BA . 11.95 15.17 -7.94
O1 GOL BA . 10.59 15.34 -7.56
C2 GOL BA . 12.87 15.95 -7.02
O2 GOL BA . 14.02 16.34 -7.77
C3 GOL BA . 13.28 15.18 -5.76
O3 GOL BA . 14.21 14.13 -6.01
C1 GOL CA . 14.06 19.51 25.52
O1 GOL CA . 13.31 19.87 26.68
C2 GOL CA . 15.17 20.48 25.19
O2 GOL CA . 16.43 19.81 25.14
C3 GOL CA . 15.04 21.17 23.86
O3 GOL CA . 16.22 21.04 23.07
C1 GOL DA . 27.48 30.21 -9.07
O1 GOL DA . 26.90 29.51 -7.98
C2 GOL DA . 27.62 29.31 -10.27
O2 GOL DA . 28.32 30.01 -11.28
C3 GOL DA . 26.29 28.81 -10.80
O3 GOL DA . 26.23 27.40 -10.97
C1 GOL EA . 19.55 2.69 -8.09
O1 GOL EA . 20.22 2.59 -6.84
C2 GOL EA . 18.10 3.07 -7.90
O2 GOL EA . 17.93 4.37 -8.49
C3 GOL EA . 17.16 2.06 -8.52
O3 GOL EA . 17.13 0.82 -7.81
C1 GOL FA . 11.83 5.02 -6.29
O1 GOL FA . 11.88 6.43 -6.14
C2 GOL FA . 13.23 4.54 -6.58
O2 GOL FA . 13.69 3.78 -5.47
C3 GOL FA . 13.35 3.78 -7.88
O3 GOL FA . 12.59 4.40 -8.92
C ACT GA . 11.48 -25.49 0.87
O ACT GA . 11.16 -24.29 0.75
OXT ACT GA . 12.37 -26.05 0.23
CH3 ACT GA . 10.72 -26.32 1.91
C ACT HA . 4.24 6.00 17.29
O ACT HA . 3.75 5.79 16.16
OXT ACT HA . 3.59 5.81 18.36
CH3 ACT HA . 5.69 6.57 17.34
C1 GOL IA . -1.45 -3.39 -8.78
O1 GOL IA . -1.59 -3.18 -10.19
C2 GOL IA . -0.71 -4.66 -8.40
O2 GOL IA . -1.60 -5.78 -8.34
C3 GOL IA . 0.00 -4.55 -7.06
O3 GOL IA . 1.26 -5.21 -7.03
C1 GOL JA . 1.54 -0.23 -28.96
O1 GOL JA . 1.91 0.71 -29.97
C2 GOL JA . 2.75 -0.74 -28.21
O2 GOL JA . 3.70 -1.27 -29.13
C3 GOL JA . 3.40 0.34 -27.35
O3 GOL JA . 4.50 -0.19 -26.59
#